data_5YFW
#
_entry.id   5YFW
#
_cell.length_a   98.700
_cell.length_b   98.700
_cell.length_c   256.551
_cell.angle_alpha   90.000
_cell.angle_beta   90.000
_cell.angle_gamma   120.000
#
_symmetry.space_group_name_H-M   'P 31 1 2'
#
loop_
_entity.id
_entity.type
_entity.pdbx_description
1 polymer 'Ribose 1,5-bisphosphate isomerase'
2 non-polymer 1,5-di-O-phosphono-alpha-D-ribofuranose
3 non-polymer 'ADENOSINE MONOPHOSPHATE'
4 non-polymer 'POTASSIUM ION'
5 non-polymer (4R)-2-METHYLPENTANE-2,4-DIOL
6 water water
#
_entity_poly.entity_id   1
_entity_poly.type   'polypeptide(L)'
_entity_poly.pdbx_seq_one_letter_code
;MGAMIVKEVYETAEKIKSMEIRGAGRIARAAAQALMIQAEKSKAKEPEELWNELKVASKILYNTRPTAVSLPNALRYVMH
RVKAAYLGGADLETLRFTAINSAKEFIYNSEKAIERIGEIGAKRIEDGDIIMTHCHSKAAISVMKKAFEQGKNIKVIVTE
TRPKWQGKITAKELASYGIPVIYIVDSAARHYMKMTDKVVMGANSITANGAVINKIGTSLIALTAKEHRVWVMIAAETYK
FHPATMLGQLVEIEMRDPTEVIPEEELRTWPKNIEVWNPAFDVTPPEYIDVIITERGIIPPYAAIDILKEEFGWALKYKE
PWED
;
_entity_poly.pdbx_strand_id   A,B,C
#
loop_
_chem_comp.id
_chem_comp.type
_chem_comp.name
_chem_comp.formula
AMP non-polymer 'ADENOSINE MONOPHOSPHATE' 'C10 H14 N5 O7 P'
K non-polymer 'POTASSIUM ION' 'K 1'
MRD non-polymer (4R)-2-METHYLPENTANE-2,4-DIOL 'C6 H14 O2'
RI2 D-saccharide, alpha linking 1,5-di-O-phosphono-alpha-D-ribofuranose 'C5 H12 O11 P2'
#
# COMPACT_ATOMS: atom_id res chain seq x y z
N ALA A 3 9.71 43.46 16.65
CA ALA A 3 8.48 42.69 16.32
C ALA A 3 7.82 41.92 17.52
N MET A 4 8.44 41.90 18.71
CA MET A 4 7.78 41.85 20.06
C MET A 4 7.28 40.50 20.70
N ILE A 5 8.24 39.65 21.00
CA ILE A 5 7.98 38.28 21.36
C ILE A 5 8.10 38.09 22.87
N VAL A 6 7.17 37.33 23.44
CA VAL A 6 7.21 37.09 24.87
C VAL A 6 8.27 36.08 25.30
N LYS A 7 8.69 36.25 26.54
CA LYS A 7 9.70 35.46 27.17
C LYS A 7 9.52 33.96 26.88
N GLU A 8 8.28 33.49 27.05
CA GLU A 8 7.93 32.07 26.98
C GLU A 8 8.20 31.42 25.63
N VAL A 9 8.15 32.19 24.55
CA VAL A 9 8.44 31.70 23.24
C VAL A 9 9.95 31.46 23.13
N TYR A 10 10.76 32.40 23.62
CA TYR A 10 12.22 32.20 23.56
C TYR A 10 12.65 31.03 24.44
N GLU A 11 12.07 30.90 25.63
CA GLU A 11 12.50 29.89 26.59
C GLU A 11 12.11 28.48 26.10
N THR A 12 10.96 28.39 25.43
CA THR A 12 10.50 27.15 24.84
C THR A 12 11.45 26.80 23.70
N ALA A 13 11.77 27.75 22.84
CA ALA A 13 12.65 27.48 21.75
C ALA A 13 13.97 26.94 22.31
N GLU A 14 14.56 27.62 23.29
CA GLU A 14 15.84 27.27 23.90
C GLU A 14 15.76 25.87 24.46
N LYS A 15 14.65 25.52 25.12
CA LYS A 15 14.50 24.23 25.77
C LYS A 15 14.24 23.05 24.83
N ILE A 16 13.75 23.35 23.63
CA ILE A 16 13.69 22.38 22.54
C ILE A 16 15.08 22.13 21.97
N LYS A 17 15.84 23.19 21.64
CA LYS A 17 17.26 23.06 21.15
C LYS A 17 18.16 22.27 22.11
N SER A 18 18.05 22.51 23.40
CA SER A 18 18.86 21.81 24.37
C SER A 18 18.32 20.42 24.74
N MET A 19 17.17 20.02 24.19
CA MET A 19 16.44 18.82 24.59
C MET A 19 16.09 18.70 26.05
N GLU A 20 16.05 19.80 26.79
CA GLU A 20 15.36 19.77 28.12
C GLU A 20 13.86 19.36 27.96
N ILE A 21 13.26 19.85 26.87
CA ILE A 21 11.98 19.36 26.43
C ILE A 21 12.28 18.55 25.16
N ARG A 22 11.83 17.32 25.12
CA ARG A 22 12.17 16.42 23.97
C ARG A 22 11.07 15.35 23.81
N GLY A 23 11.20 14.53 22.76
CA GLY A 23 10.10 13.60 22.42
C GLY A 23 9.29 14.36 21.39
N ALA A 24 9.02 13.74 20.24
CA ALA A 24 8.43 14.41 19.11
C ALA A 24 7.00 15.00 19.39
N GLY A 25 6.19 14.27 20.14
CA GLY A 25 4.88 14.71 20.54
C GLY A 25 5.02 15.89 21.47
N ARG A 26 5.96 15.79 22.42
CA ARG A 26 6.03 16.75 23.46
C ARG A 26 6.49 18.12 22.92
N ILE A 27 7.49 18.12 22.05
CA ILE A 27 7.93 19.39 21.49
C ILE A 27 6.87 20.06 20.59
N ALA A 28 6.00 19.26 19.99
CA ALA A 28 4.85 19.77 19.22
C ALA A 28 3.81 20.45 20.10
N ARG A 29 3.47 19.84 21.23
CA ARG A 29 2.60 20.44 22.20
C ARG A 29 3.23 21.69 22.77
N ALA A 30 4.50 21.61 23.11
CA ALA A 30 5.21 22.80 23.64
C ALA A 30 5.18 23.97 22.67
N ALA A 31 5.38 23.71 21.38
CA ALA A 31 5.39 24.72 20.39
C ALA A 31 3.97 25.35 20.23
N ALA A 32 2.92 24.52 20.25
CA ALA A 32 1.57 25.00 20.27
C ALA A 32 1.35 25.84 21.53
N GLN A 33 1.86 25.36 22.65
CA GLN A 33 1.68 26.05 23.93
C GLN A 33 2.39 27.42 23.92
N ALA A 34 3.49 27.50 23.21
CA ALA A 34 4.17 28.78 23.06
C ALA A 34 3.39 29.77 22.21
N LEU A 35 2.91 29.40 21.03
CA LEU A 35 2.10 30.34 20.29
C LEU A 35 0.87 30.73 21.17
N MET A 36 0.34 29.79 21.97
CA MET A 36 -0.81 30.09 22.81
C MET A 36 -0.53 31.24 23.78
N ILE A 37 0.59 31.17 24.48
CA ILE A 37 1.00 32.15 25.46
C ILE A 37 1.33 33.51 24.82
N GLN A 38 1.97 33.50 23.66
CA GLN A 38 2.18 34.73 22.94
C GLN A 38 0.82 35.49 22.64
N ALA A 39 -0.23 34.75 22.28
CA ALA A 39 -1.52 35.31 21.97
C ALA A 39 -2.19 35.70 23.27
N GLU A 40 -2.04 34.92 24.34
CA GLU A 40 -2.61 35.28 25.63
C GLU A 40 -2.11 36.65 26.04
N LYS A 41 -0.79 36.86 25.94
CA LYS A 41 -0.07 37.96 26.58
C LYS A 41 0.27 39.13 25.70
N SER A 42 0.08 38.98 24.41
CA SER A 42 0.40 40.05 23.48
C SER A 42 -0.30 41.38 23.89
N LYS A 43 0.45 42.47 23.66
CA LYS A 43 0.04 43.85 23.88
C LYS A 43 -0.42 44.43 22.54
N ALA A 44 -0.50 43.62 21.49
CA ALA A 44 -0.99 44.14 20.20
C ALA A 44 -2.36 44.85 20.31
N LYS A 45 -2.51 45.94 19.54
CA LYS A 45 -3.76 46.72 19.47
C LYS A 45 -4.57 46.36 18.27
N GLU A 46 -3.88 45.95 17.20
CA GLU A 46 -4.44 45.73 15.89
C GLU A 46 -4.36 44.21 15.55
N PRO A 47 -5.31 43.64 14.77
CA PRO A 47 -5.10 42.31 14.18
C PRO A 47 -3.72 42.08 13.49
N GLU A 48 -3.34 43.00 12.62
CA GLU A 48 -2.11 42.93 11.86
C GLU A 48 -0.85 42.84 12.72
N GLU A 49 -0.89 43.46 13.89
CA GLU A 49 0.25 43.40 14.81
C GLU A 49 0.39 41.98 15.32
N LEU A 50 -0.73 41.36 15.72
CA LEU A 50 -0.70 40.04 16.39
C LEU A 50 -0.35 38.96 15.38
N TRP A 51 -0.95 39.09 14.21
CA TRP A 51 -0.59 38.30 13.09
C TRP A 51 0.92 38.21 12.93
N ASN A 52 1.56 39.38 12.91
CA ASN A 52 3.00 39.49 12.69
C ASN A 52 3.85 38.89 13.84
N GLU A 53 3.41 39.09 15.08
CA GLU A 53 3.95 38.42 16.25
C GLU A 53 3.87 36.87 16.16
N LEU A 54 2.74 36.34 15.70
CA LEU A 54 2.58 34.92 15.62
C LEU A 54 3.38 34.36 14.44
N LYS A 55 3.47 35.11 13.34
CA LYS A 55 4.35 34.70 12.26
C LYS A 55 5.76 34.51 12.81
N VAL A 56 6.21 35.45 13.66
CA VAL A 56 7.60 35.54 14.07
C VAL A 56 7.88 34.51 15.14
N ALA A 57 6.99 34.35 16.10
CA ALA A 57 7.04 33.24 17.07
C ALA A 57 7.13 31.86 16.39
N SER A 58 6.33 31.68 15.35
CA SER A 58 6.29 30.47 14.60
C SER A 58 7.63 30.18 13.93
N LYS A 59 8.25 31.21 13.36
CA LYS A 59 9.55 31.08 12.73
C LYS A 59 10.57 30.73 13.79
N ILE A 60 10.50 31.35 14.94
CA ILE A 60 11.47 31.08 15.98
C ILE A 60 11.35 29.62 16.39
N LEU A 61 10.14 29.17 16.67
CA LEU A 61 9.91 27.80 17.13
C LEU A 61 10.21 26.70 16.09
N TYR A 62 9.97 26.99 14.84
CA TYR A 62 10.33 26.07 13.74
C TYR A 62 11.84 25.85 13.54
N ASN A 63 12.64 26.91 13.77
CA ASN A 63 14.09 26.88 13.61
C ASN A 63 14.80 26.33 14.87
N THR A 64 14.25 25.31 15.53
CA THR A 64 14.80 24.76 16.75
C THR A 64 15.45 23.43 16.39
N ARG A 65 14.64 22.40 16.13
CA ARG A 65 15.13 21.09 15.71
C ARG A 65 14.36 20.68 14.45
N PRO A 66 15.08 20.20 13.41
CA PRO A 66 14.47 20.08 12.10
C PRO A 66 13.80 18.75 11.76
N THR A 67 14.13 17.66 12.44
CA THR A 67 13.81 16.33 11.95
C THR A 67 12.38 15.89 12.26
N ALA A 68 11.91 16.10 13.49
CA ALA A 68 10.56 15.68 13.85
C ALA A 68 9.55 16.65 13.19
N VAL A 69 8.83 16.20 12.17
CA VAL A 69 7.79 17.01 11.50
C VAL A 69 6.58 17.29 12.40
N SER A 70 6.55 16.73 13.61
CA SER A 70 5.46 16.99 14.54
C SER A 70 5.43 18.47 14.94
N LEU A 71 6.60 19.11 14.96
CA LEU A 71 6.71 20.45 15.41
C LEU A 71 6.09 21.41 14.35
N PRO A 72 6.58 21.39 13.10
CA PRO A 72 5.91 22.16 12.07
C PRO A 72 4.43 21.84 11.90
N ASN A 73 4.02 20.58 12.09
CA ASN A 73 2.59 20.27 11.92
C ASN A 73 1.77 20.92 13.00
N ALA A 74 2.29 21.02 14.21
CA ALA A 74 1.61 21.76 15.28
C ALA A 74 1.45 23.26 14.96
N LEU A 75 2.53 23.82 14.46
CA LEU A 75 2.63 25.19 14.15
C LEU A 75 1.62 25.43 13.06
N ARG A 76 1.66 24.63 11.99
CA ARG A 76 0.66 24.62 10.94
C ARG A 76 -0.79 24.52 11.42
N TYR A 77 -1.06 23.61 12.37
CA TYR A 77 -2.41 23.39 12.83
C TYR A 77 -3.00 24.74 13.37
N VAL A 78 -2.21 25.42 14.20
CA VAL A 78 -2.55 26.72 14.81
C VAL A 78 -2.59 27.80 13.71
N MET A 79 -1.53 27.96 12.98
CA MET A 79 -1.44 29.05 12.00
C MET A 79 -2.22 28.95 10.67
N HIS A 80 -2.66 27.76 10.24
CA HIS A 80 -3.67 27.70 9.15
C HIS A 80 -5.00 28.43 9.54
N ARG A 81 -5.36 28.28 10.78
CA ARG A 81 -6.56 28.77 11.33
C ARG A 81 -6.36 30.26 11.63
N VAL A 82 -5.21 30.62 12.18
CA VAL A 82 -4.90 32.00 12.46
C VAL A 82 -4.89 32.73 11.12
N LYS A 83 -4.14 32.25 10.14
CA LYS A 83 -4.07 32.91 8.84
C LYS A 83 -5.42 33.10 8.11
N ALA A 84 -6.30 32.11 8.21
CA ALA A 84 -7.60 32.16 7.53
C ALA A 84 -8.51 33.23 8.17
N ALA A 85 -8.55 33.20 9.50
CA ALA A 85 -9.24 34.17 10.31
C ALA A 85 -8.77 35.58 10.01
N TYR A 86 -7.44 35.77 9.92
CA TYR A 86 -6.86 37.09 9.66
C TYR A 86 -7.24 37.53 8.25
N LEU A 87 -6.98 36.70 7.24
CA LEU A 87 -7.34 37.04 5.86
C LEU A 87 -8.87 37.21 5.65
N GLY A 88 -9.69 36.60 6.50
CA GLY A 88 -11.13 36.77 6.47
C GLY A 88 -11.59 38.00 7.25
N GLY A 89 -10.66 38.72 7.88
CA GLY A 89 -10.95 40.01 8.48
C GLY A 89 -11.26 39.99 9.94
N ALA A 90 -10.82 38.98 10.68
CA ALA A 90 -11.04 38.99 12.12
C ALA A 90 -10.39 40.18 12.78
N ASP A 91 -11.12 40.69 13.78
CA ASP A 91 -10.64 41.79 14.60
C ASP A 91 -9.66 41.21 15.58
N LEU A 92 -9.04 42.06 16.39
CA LEU A 92 -8.08 41.61 17.41
C LEU A 92 -8.52 40.41 18.24
N GLU A 93 -9.66 40.50 18.90
CA GLU A 93 -9.98 39.50 19.92
C GLU A 93 -10.36 38.14 19.32
N THR A 94 -10.92 38.21 18.12
CA THR A 94 -11.27 37.07 17.30
C THR A 94 -9.99 36.38 16.81
N LEU A 95 -8.98 37.17 16.45
CA LEU A 95 -7.68 36.57 16.06
C LEU A 95 -7.04 35.92 17.29
N ARG A 96 -7.02 36.65 18.39
CA ARG A 96 -6.52 36.12 19.63
C ARG A 96 -7.11 34.82 20.00
N PHE A 97 -8.43 34.70 19.88
CA PHE A 97 -9.07 33.49 20.36
C PHE A 97 -8.80 32.34 19.38
N THR A 98 -8.84 32.60 18.07
CA THR A 98 -8.50 31.66 17.02
C THR A 98 -7.13 30.99 17.28
N ALA A 99 -6.11 31.77 17.64
CA ALA A 99 -4.78 31.26 18.01
C ALA A 99 -4.83 30.44 19.29
N ILE A 100 -5.37 31.03 20.34
CA ILE A 100 -5.40 30.36 21.65
C ILE A 100 -6.16 29.01 21.64
N ASN A 101 -7.21 28.98 20.83
CA ASN A 101 -8.09 27.87 20.73
C ASN A 101 -7.62 26.79 19.78
N SER A 102 -7.18 27.15 18.58
CA SER A 102 -6.47 26.23 17.75
C SER A 102 -5.32 25.53 18.53
N ALA A 103 -4.56 26.28 19.32
CA ALA A 103 -3.49 25.67 20.11
C ALA A 103 -4.00 24.66 21.12
N LYS A 104 -5.07 25.00 21.82
CA LYS A 104 -5.65 24.14 22.86
C LYS A 104 -6.19 22.89 22.16
N GLU A 105 -6.78 23.04 20.95
CA GLU A 105 -7.29 21.91 20.17
C GLU A 105 -6.12 20.92 19.86
N PHE A 106 -5.04 21.42 19.24
CA PHE A 106 -3.85 20.61 19.01
C PHE A 106 -3.39 19.84 20.24
N ILE A 107 -3.30 20.52 21.37
CA ILE A 107 -2.76 19.89 22.56
C ILE A 107 -3.63 18.77 23.07
N TYR A 108 -4.96 18.99 23.02
CA TYR A 108 -5.95 18.04 23.51
C TYR A 108 -5.96 16.80 22.62
N ASN A 109 -5.98 17.03 21.33
CA ASN A 109 -5.95 15.98 20.33
C ASN A 109 -4.70 15.16 20.38
N SER A 110 -3.57 15.81 20.75
CA SER A 110 -2.34 15.11 20.90
C SER A 110 -2.47 14.14 22.07
N GLU A 111 -2.88 14.63 23.23
CA GLU A 111 -3.11 13.80 24.40
C GLU A 111 -4.07 12.61 24.11
N LYS A 112 -5.17 12.89 23.41
CA LYS A 112 -6.18 11.89 23.11
C LYS A 112 -5.65 10.88 22.12
N ALA A 113 -4.93 11.37 21.12
CA ALA A 113 -4.31 10.52 20.09
C ALA A 113 -3.39 9.42 20.70
N ILE A 114 -2.64 9.79 21.74
CA ILE A 114 -1.66 8.93 22.42
C ILE A 114 -2.39 7.93 23.25
N GLU A 115 -3.41 8.35 24.00
CA GLU A 115 -4.21 7.40 24.76
C GLU A 115 -4.86 6.34 23.82
N ARG A 116 -5.38 6.79 22.67
CA ARG A 116 -6.03 5.92 21.72
C ARG A 116 -5.01 4.93 21.05
N ILE A 117 -3.89 5.46 20.58
CA ILE A 117 -2.78 4.64 20.12
C ILE A 117 -2.45 3.54 21.13
N GLY A 118 -2.43 3.89 22.40
CA GLY A 118 -2.19 2.91 23.43
C GLY A 118 -3.19 1.76 23.45
N GLU A 119 -4.45 2.12 23.33
CA GLU A 119 -5.58 1.13 23.38
C GLU A 119 -5.59 0.23 22.16
N ILE A 120 -5.32 0.82 21.00
CA ILE A 120 -5.24 0.07 19.77
C ILE A 120 -4.06 -0.92 19.77
N GLY A 121 -2.87 -0.44 20.10
CA GLY A 121 -1.64 -1.20 20.06
C GLY A 121 -1.60 -2.28 21.09
N ALA A 122 -2.21 -2.03 22.21
CA ALA A 122 -2.25 -3.00 23.27
C ALA A 122 -2.99 -4.28 22.88
N LYS A 123 -3.92 -4.21 21.93
CA LYS A 123 -4.59 -5.45 21.46
C LYS A 123 -3.69 -6.40 20.71
N ARG A 124 -2.59 -5.85 20.18
CA ARG A 124 -1.54 -6.59 19.52
C ARG A 124 -0.51 -7.18 20.46
N ILE A 125 -0.60 -6.87 21.72
CA ILE A 125 0.27 -7.42 22.72
C ILE A 125 -0.46 -8.57 23.36
N GLU A 126 0.25 -9.66 23.65
CA GLU A 126 -0.38 -10.90 24.18
C GLU A 126 0.21 -11.21 25.53
N ASP A 127 -0.56 -11.86 26.33
CA ASP A 127 -0.13 -12.18 27.66
C ASP A 127 1.20 -12.93 27.54
N GLY A 128 2.15 -12.62 28.40
CA GLY A 128 3.46 -13.34 28.33
C GLY A 128 4.52 -12.71 27.40
N ASP A 129 4.12 -11.69 26.64
CA ASP A 129 5.00 -11.07 25.69
C ASP A 129 6.22 -10.41 26.35
N ILE A 130 7.35 -10.61 25.71
CA ILE A 130 8.54 -9.82 25.94
C ILE A 130 8.60 -8.84 24.84
N ILE A 131 8.59 -7.55 25.19
CA ILE A 131 8.56 -6.49 24.20
C ILE A 131 9.88 -5.76 24.25
N MET A 132 10.53 -5.53 23.10
CA MET A 132 11.71 -4.69 23.09
C MET A 132 11.35 -3.31 22.55
N THR A 133 11.93 -2.27 23.15
CA THR A 133 11.70 -0.94 22.74
C THR A 133 13.02 -0.21 22.60
N HIS A 134 12.94 1.04 22.18
CA HIS A 134 14.12 1.85 21.93
C HIS A 134 13.75 3.29 22.28
N CYS A 135 14.76 4.04 22.78
CA CYS A 135 14.59 5.43 23.18
C CYS A 135 13.43 5.56 24.14
N HIS A 136 12.80 6.75 24.15
CA HIS A 136 11.69 7.02 25.06
C HIS A 136 10.58 7.67 24.23
N SER A 137 9.53 6.90 23.95
CA SER A 137 8.42 7.35 23.10
C SER A 137 7.22 7.16 23.94
N LYS A 138 6.51 8.27 24.18
CA LYS A 138 5.27 8.25 24.93
C LYS A 138 4.27 7.37 24.19
N ALA A 139 4.28 7.43 22.89
CA ALA A 139 3.31 6.70 22.06
C ALA A 139 3.59 5.20 22.28
N ALA A 140 4.86 4.76 22.13
CA ALA A 140 5.23 3.34 22.42
C ALA A 140 4.90 2.92 23.86
N ILE A 141 5.14 3.82 24.81
CA ILE A 141 4.88 3.54 26.23
C ILE A 141 3.38 3.43 26.56
N SER A 142 2.58 4.23 25.85
CA SER A 142 1.10 4.14 26.00
C SER A 142 0.63 2.72 25.68
N VAL A 143 1.17 2.16 24.59
CA VAL A 143 0.90 0.75 24.19
C VAL A 143 1.28 -0.24 25.26
N MET A 144 2.48 -0.10 25.81
CA MET A 144 2.96 -1.07 26.81
C MET A 144 2.23 -0.95 28.14
N LYS A 145 2.02 0.30 28.53
CA LYS A 145 1.31 0.58 29.76
C LYS A 145 -0.13 0.01 29.70
N LYS A 146 -0.85 0.30 28.62
CA LYS A 146 -2.21 -0.17 28.49
C LYS A 146 -2.23 -1.70 28.51
N ALA A 147 -1.28 -2.35 27.82
CA ALA A 147 -1.23 -3.81 27.82
C ALA A 147 -1.09 -4.34 29.22
N PHE A 148 -0.23 -3.70 30.01
CA PHE A 148 -0.03 -4.13 31.39
C PHE A 148 -1.26 -3.93 32.26
N GLU A 149 -1.95 -2.79 32.10
CA GLU A 149 -3.23 -2.51 32.77
C GLU A 149 -4.34 -3.51 32.44
N GLN A 150 -4.36 -4.05 31.24
CA GLN A 150 -5.24 -5.17 30.91
C GLN A 150 -4.84 -6.49 31.59
N GLY A 151 -3.78 -6.55 32.39
CA GLY A 151 -3.39 -7.81 33.08
C GLY A 151 -2.56 -8.77 32.22
N LYS A 152 -2.05 -8.32 31.07
CA LYS A 152 -1.12 -9.13 30.30
C LYS A 152 0.19 -9.10 31.03
N ASN A 153 0.77 -10.27 31.29
CA ASN A 153 1.98 -10.32 32.10
C ASN A 153 3.12 -10.16 31.13
N ILE A 154 3.59 -8.93 30.95
CA ILE A 154 4.65 -8.63 30.00
C ILE A 154 6.00 -8.29 30.66
N LYS A 155 7.06 -8.25 29.85
CA LYS A 155 8.32 -7.64 30.23
C LYS A 155 8.87 -6.84 29.10
N VAL A 156 9.52 -5.73 29.43
CA VAL A 156 10.05 -4.85 28.40
C VAL A 156 11.57 -4.78 28.45
N ILE A 157 12.16 -5.07 27.32
CA ILE A 157 13.60 -4.92 27.15
C ILE A 157 13.80 -3.49 26.65
N VAL A 158 14.52 -2.71 27.44
CA VAL A 158 14.76 -1.29 27.21
C VAL A 158 16.21 -1.11 26.87
N THR A 159 16.46 -0.55 25.69
CA THR A 159 17.78 -0.29 25.24
C THR A 159 18.17 1.10 25.72
N GLU A 160 19.41 1.23 26.18
CA GLU A 160 19.82 2.48 26.81
C GLU A 160 19.73 3.70 25.92
N THR A 161 19.93 3.52 24.63
CA THR A 161 19.80 4.57 23.63
C THR A 161 20.82 5.70 23.83
N ARG A 162 22.03 5.38 23.44
CA ARG A 162 23.10 6.34 23.37
C ARG A 162 22.80 7.34 22.25
N PRO A 163 23.38 8.56 22.27
CA PRO A 163 24.28 9.01 23.29
C PRO A 163 23.58 9.54 24.50
N LYS A 164 22.30 9.87 24.38
CA LYS A 164 21.67 10.72 25.35
C LYS A 164 21.00 9.97 26.38
N TRP A 165 20.94 8.64 26.31
CA TRP A 165 20.44 7.80 27.46
C TRP A 165 18.93 7.84 27.75
N GLN A 166 18.13 8.06 26.69
CA GLN A 166 16.70 8.19 26.87
C GLN A 166 16.16 6.88 27.43
N GLY A 167 16.85 5.78 27.15
CA GLY A 167 16.54 4.52 27.77
C GLY A 167 16.34 4.48 29.27
N LYS A 168 17.11 5.30 29.98
CA LYS A 168 16.94 5.40 31.46
C LYS A 168 15.61 6.00 31.85
N ILE A 169 15.16 6.96 31.05
CA ILE A 169 13.83 7.54 31.30
C ILE A 169 12.81 6.43 31.15
N THR A 170 12.91 5.70 30.05
CA THR A 170 11.96 4.64 29.74
C THR A 170 11.96 3.54 30.78
N ALA A 171 13.15 3.16 31.24
CA ALA A 171 13.25 2.07 32.21
C ALA A 171 12.56 2.41 33.58
N LYS A 172 12.90 3.59 34.09
CA LYS A 172 12.30 4.09 35.33
C LYS A 172 10.79 4.34 35.20
N GLU A 173 10.36 4.91 34.08
CA GLU A 173 8.89 5.10 33.86
C GLU A 173 8.12 3.79 33.80
N LEU A 174 8.54 2.84 32.97
CA LEU A 174 7.87 1.53 32.93
C LEU A 174 7.87 0.81 34.28
N ALA A 175 9.03 0.79 34.94
CA ALA A 175 9.16 0.13 36.24
C ALA A 175 8.26 0.76 37.28
N SER A 176 8.12 2.08 37.25
CA SER A 176 7.23 2.77 38.15
C SER A 176 5.75 2.46 37.89
N TYR A 177 5.32 2.03 36.68
CA TYR A 177 3.94 1.45 36.53
C TYR A 177 3.82 -0.02 36.93
N GLY A 178 4.87 -0.63 37.48
CA GLY A 178 4.86 -2.06 37.85
C GLY A 178 5.35 -3.06 36.77
N ILE A 179 5.87 -2.55 35.66
CA ILE A 179 6.26 -3.38 34.53
C ILE A 179 7.68 -3.83 34.76
N PRO A 180 7.90 -5.13 34.74
CA PRO A 180 9.27 -5.62 34.77
C PRO A 180 10.11 -5.18 33.55
N VAL A 181 11.34 -4.74 33.82
CA VAL A 181 12.24 -4.23 32.78
C VAL A 181 13.57 -4.98 32.76
N ILE A 182 14.07 -5.17 31.54
CA ILE A 182 15.38 -5.68 31.30
C ILE A 182 16.09 -4.59 30.57
N TYR A 183 17.12 -3.98 31.19
CA TYR A 183 17.93 -2.95 30.55
C TYR A 183 19.19 -3.51 29.99
N ILE A 184 19.45 -3.13 28.74
CA ILE A 184 20.60 -3.57 27.97
C ILE A 184 21.19 -2.44 27.17
N VAL A 185 22.44 -2.64 26.74
CA VAL A 185 23.04 -1.69 25.81
C VAL A 185 22.51 -1.92 24.41
N ASP A 186 22.60 -0.90 23.56
CA ASP A 186 22.03 -0.95 22.20
C ASP A 186 22.60 -2.10 21.41
N SER A 187 23.89 -2.35 21.62
CA SER A 187 24.65 -3.44 20.94
C SER A 187 24.11 -4.85 21.23
N ALA A 188 23.40 -4.99 22.35
CA ALA A 188 22.85 -6.28 22.72
C ALA A 188 21.49 -6.59 22.06
N ALA A 189 21.06 -5.78 21.08
CA ALA A 189 19.70 -5.95 20.49
C ALA A 189 19.55 -7.23 19.71
N ARG A 190 20.56 -7.63 18.96
CA ARG A 190 20.48 -8.91 18.22
C ARG A 190 20.54 -10.09 19.14
N HIS A 191 21.37 -9.99 20.15
CA HIS A 191 21.61 -11.08 21.03
C HIS A 191 20.32 -11.42 21.73
N TYR A 192 19.52 -10.43 22.10
CA TYR A 192 18.28 -10.70 22.81
C TYR A 192 17.04 -10.70 21.87
N MET A 193 17.22 -10.60 20.56
CA MET A 193 16.07 -10.56 19.65
C MET A 193 15.38 -11.90 19.62
N LYS A 194 16.12 -12.98 19.92
CA LYS A 194 15.61 -14.37 19.94
C LYS A 194 14.58 -14.60 21.08
N MET A 195 14.78 -13.95 22.23
CA MET A 195 13.83 -14.09 23.29
C MET A 195 12.67 -13.07 23.14
N THR A 196 12.78 -12.11 22.21
CA THR A 196 11.77 -11.03 22.04
C THR A 196 10.53 -11.44 21.19
N ASP A 197 9.33 -11.23 21.71
CA ASP A 197 8.09 -11.45 20.92
C ASP A 197 7.66 -10.28 20.06
N LYS A 198 7.90 -9.07 20.50
CA LYS A 198 7.41 -7.88 19.75
C LYS A 198 8.35 -6.71 19.98
N VAL A 199 8.54 -5.90 18.96
CA VAL A 199 9.18 -4.64 19.10
C VAL A 199 8.16 -3.48 18.89
N VAL A 200 8.22 -2.50 19.80
CA VAL A 200 7.35 -1.31 19.84
C VAL A 200 8.24 -0.06 20.00
N MET A 201 8.23 0.78 18.98
CA MET A 201 9.03 1.99 18.94
C MET A 201 8.19 3.18 18.49
N GLY A 202 8.73 4.39 18.64
CA GLY A 202 8.04 5.58 18.21
C GLY A 202 8.48 6.05 16.86
N ALA A 203 8.11 7.31 16.52
CA ALA A 203 8.51 8.00 15.31
C ALA A 203 8.59 9.51 15.51
N ASN A 204 9.51 10.12 14.77
CA ASN A 204 9.65 11.56 14.70
C ASN A 204 9.05 12.07 13.43
N SER A 205 9.32 11.36 12.34
CA SER A 205 8.74 11.64 11.04
C SER A 205 8.52 10.36 10.26
N ILE A 206 7.41 10.31 9.52
CA ILE A 206 7.05 9.17 8.65
C ILE A 206 6.76 9.70 7.23
N THR A 207 7.42 9.12 6.24
CA THR A 207 7.45 9.60 4.89
C THR A 207 6.36 9.00 4.03
N ALA A 208 6.18 9.61 2.87
CA ALA A 208 5.10 9.28 1.97
C ALA A 208 5.21 7.81 1.56
N ASN A 209 6.45 7.35 1.38
CA ASN A 209 6.73 5.96 0.98
C ASN A 209 6.67 4.94 2.14
N GLY A 210 6.40 5.37 3.38
CA GLY A 210 6.36 4.50 4.52
C GLY A 210 7.62 4.33 5.40
N ALA A 211 8.69 5.06 5.08
CA ALA A 211 9.90 5.08 5.93
C ALA A 211 9.69 5.78 7.23
N VAL A 212 10.27 5.23 8.29
CA VAL A 212 10.19 5.82 9.63
C VAL A 212 11.56 6.34 10.08
N ILE A 213 11.54 7.60 10.46
CA ILE A 213 12.68 8.33 10.95
C ILE A 213 12.41 8.47 12.40
N ASN A 214 13.34 7.92 13.19
CA ASN A 214 13.21 7.82 14.62
C ASN A 214 14.60 7.74 15.19
N LYS A 215 14.73 7.67 16.51
CA LYS A 215 16.05 7.73 17.15
C LYS A 215 17.07 6.77 16.56
N ILE A 216 18.28 7.29 16.43
CA ILE A 216 19.44 6.53 15.98
C ILE A 216 19.47 5.16 16.67
N GLY A 217 19.66 4.16 15.84
CA GLY A 217 19.64 2.77 16.26
C GLY A 217 18.35 2.08 15.87
N THR A 218 17.31 2.84 15.54
CA THR A 218 15.95 2.28 15.28
C THR A 218 15.99 1.24 14.12
N SER A 219 16.67 1.62 13.02
CA SER A 219 16.77 0.84 11.81
C SER A 219 17.56 -0.44 12.03
N LEU A 220 18.47 -0.44 13.02
CA LEU A 220 19.18 -1.64 13.36
C LEU A 220 18.27 -2.60 14.05
N ILE A 221 17.59 -2.12 15.06
CA ILE A 221 16.67 -2.99 15.76
C ILE A 221 15.62 -3.56 14.81
N ALA A 222 15.12 -2.72 13.90
CA ALA A 222 14.13 -3.17 12.94
C ALA A 222 14.71 -4.25 12.01
N LEU A 223 15.92 -4.03 11.59
CA LEU A 223 16.60 -4.96 10.70
C LEU A 223 16.66 -6.37 11.34
N THR A 224 17.14 -6.46 12.57
CA THR A 224 17.35 -7.73 13.18
C THR A 224 16.04 -8.31 13.67
N ALA A 225 15.03 -7.48 13.92
CA ALA A 225 13.65 -7.98 14.21
C ALA A 225 13.06 -8.69 12.99
N LYS A 226 13.28 -8.10 11.84
CA LYS A 226 12.86 -8.69 10.62
C LYS A 226 13.56 -10.04 10.30
N GLU A 227 14.90 -10.03 10.39
CA GLU A 227 15.73 -11.24 10.36
C GLU A 227 15.16 -12.38 11.19
N HIS A 228 14.61 -12.08 12.36
CA HIS A 228 14.12 -13.06 13.32
C HIS A 228 12.59 -13.26 13.31
N ARG A 229 11.93 -12.60 12.37
CA ARG A 229 10.51 -12.51 12.30
C ARG A 229 9.80 -12.03 13.55
N VAL A 230 10.31 -10.99 14.17
CA VAL A 230 9.67 -10.34 15.30
C VAL A 230 8.91 -9.13 14.71
N TRP A 231 7.61 -9.04 15.03
CA TRP A 231 6.76 -7.89 14.61
C TRP A 231 7.36 -6.58 15.07
N VAL A 232 7.62 -5.71 14.11
CA VAL A 232 7.98 -4.35 14.37
C VAL A 232 6.76 -3.44 14.24
N MET A 233 6.32 -2.91 15.38
CA MET A 233 5.19 -1.94 15.47
C MET A 233 5.67 -0.54 15.85
N ILE A 234 5.37 0.41 14.99
CA ILE A 234 5.72 1.80 15.20
C ILE A 234 4.43 2.53 15.65
N ALA A 235 4.44 3.06 16.86
CA ALA A 235 3.32 3.81 17.45
C ALA A 235 3.53 5.28 17.14
N ALA A 236 2.66 5.86 16.31
CA ALA A 236 2.83 7.21 15.84
C ALA A 236 1.49 7.96 15.43
N GLU A 237 1.33 9.13 16.02
CA GLU A 237 0.21 10.00 15.84
C GLU A 237 0.27 10.44 14.41
N THR A 238 -0.88 10.80 13.81
CA THR A 238 -0.92 11.24 12.42
C THR A 238 -0.11 12.48 12.16
N TYR A 239 0.05 13.30 13.19
CA TYR A 239 0.84 14.50 12.99
C TYR A 239 2.39 14.14 12.97
N LYS A 240 2.78 12.84 13.06
CA LYS A 240 4.18 12.44 12.79
C LYS A 240 4.43 12.24 11.33
N PHE A 241 3.37 12.29 10.53
CA PHE A 241 3.46 12.07 9.12
C PHE A 241 3.87 13.33 8.35
N HIS A 242 4.66 13.17 7.29
CA HIS A 242 5.49 14.24 6.75
C HIS A 242 5.01 14.70 5.38
N PRO A 243 4.32 15.84 5.36
CA PRO A 243 3.64 16.28 4.18
C PRO A 243 4.56 16.53 3.02
N ALA A 244 5.67 17.22 3.23
CA ALA A 244 6.47 17.64 2.09
C ALA A 244 7.14 16.45 1.40
N THR A 245 7.25 15.30 2.07
CA THR A 245 7.79 14.09 1.40
C THR A 245 6.90 13.69 0.24
N MET A 246 5.59 14.05 0.26
CA MET A 246 4.70 13.83 -0.88
C MET A 246 5.25 14.42 -2.18
N LEU A 247 5.93 15.55 -2.14
CA LEU A 247 6.43 16.18 -3.35
C LEU A 247 7.95 16.08 -3.49
N GLY A 248 8.54 15.11 -2.79
CA GLY A 248 9.88 14.65 -3.09
C GLY A 248 10.90 15.07 -2.07
N GLN A 249 10.49 15.85 -1.09
CA GLN A 249 11.41 16.40 -0.11
C GLN A 249 12.07 15.27 0.74
N LEU A 250 13.38 15.36 0.98
CA LEU A 250 14.08 14.46 1.92
C LEU A 250 14.04 15.01 3.31
N VAL A 251 13.90 14.16 4.30
CA VAL A 251 13.92 14.58 5.68
C VAL A 251 15.35 14.88 6.10
N GLU A 252 15.59 16.04 6.67
CA GLU A 252 16.93 16.37 7.18
C GLU A 252 17.19 15.53 8.42
N ILE A 253 18.39 14.90 8.49
CA ILE A 253 18.76 14.19 9.75
C ILE A 253 19.59 15.10 10.63
N GLU A 254 19.08 15.36 11.82
CA GLU A 254 19.71 16.27 12.75
C GLU A 254 21.09 15.75 13.26
N MET A 255 22.16 16.56 13.07
CA MET A 255 23.48 16.28 13.61
C MET A 255 23.68 17.10 14.87
N ARG A 256 23.76 16.45 16.03
CA ARG A 256 23.90 17.16 17.30
C ARG A 256 25.35 17.18 17.77
N ASP A 257 25.55 17.94 18.84
CA ASP A 257 26.89 18.31 19.22
C ASP A 257 27.77 17.06 19.58
N PRO A 258 28.97 16.95 19.03
CA PRO A 258 29.96 15.93 19.41
C PRO A 258 30.09 15.66 20.94
N THR A 259 29.92 16.67 21.82
CA THR A 259 30.12 16.51 23.25
C THR A 259 29.03 15.72 23.96
N GLU A 260 27.92 15.48 23.28
CA GLU A 260 26.91 14.52 23.74
C GLU A 260 27.44 13.09 23.77
N VAL A 261 28.31 12.78 22.79
CA VAL A 261 29.02 11.48 22.72
C VAL A 261 30.27 11.41 23.66
N ILE A 262 31.18 12.37 23.49
CA ILE A 262 32.42 12.43 24.29
C ILE A 262 32.33 13.74 25.05
N PRO A 263 32.23 13.72 26.40
CA PRO A 263 32.18 15.03 27.14
C PRO A 263 33.36 15.96 26.79
N GLU A 264 33.04 17.26 26.79
CA GLU A 264 33.99 18.34 26.51
C GLU A 264 35.39 18.14 27.13
N GLU A 265 35.43 17.78 28.40
CA GLU A 265 36.68 17.67 29.19
C GLU A 265 37.53 16.56 28.63
N GLU A 266 36.90 15.57 28.01
CA GLU A 266 37.64 14.50 27.39
C GLU A 266 37.92 14.81 25.90
N LEU A 267 36.93 15.33 25.16
CA LEU A 267 37.12 15.54 23.72
C LEU A 267 38.21 16.53 23.39
N ARG A 268 38.39 17.53 24.24
CA ARG A 268 39.44 18.56 23.94
C ARG A 268 40.83 17.99 23.96
N THR A 269 41.03 16.91 24.73
CA THR A 269 42.32 16.22 24.80
C THR A 269 42.60 15.22 23.67
N TRP A 270 41.61 14.90 22.81
CA TRP A 270 41.74 13.95 21.73
C TRP A 270 42.35 14.59 20.48
N PRO A 271 43.04 13.78 19.67
CA PRO A 271 43.70 14.27 18.50
C PRO A 271 42.79 14.84 17.47
N LYS A 272 43.35 15.73 16.68
CA LYS A 272 42.60 16.50 15.75
C LYS A 272 41.97 15.59 14.64
N ASN A 273 42.63 14.47 14.29
CA ASN A 273 42.21 13.65 13.15
CA ASN A 273 42.28 13.59 13.16
C ASN A 273 41.09 12.67 13.51
N ILE A 274 40.57 12.75 14.74
CA ILE A 274 39.29 12.13 15.12
C ILE A 274 38.09 13.09 15.00
N GLU A 275 37.08 12.74 14.20
CA GLU A 275 35.83 13.51 14.12
C GLU A 275 34.76 12.67 14.82
N VAL A 276 33.99 13.27 15.74
CA VAL A 276 32.81 12.68 16.29
C VAL A 276 31.55 13.09 15.46
N TRP A 277 30.78 12.09 14.98
CA TRP A 277 29.53 12.25 14.22
C TRP A 277 28.43 11.75 15.09
N ASN A 278 27.42 12.62 15.30
CA ASN A 278 26.34 12.37 16.21
C ASN A 278 24.98 12.60 15.55
N PRO A 279 24.64 11.74 14.58
CA PRO A 279 23.28 11.84 14.00
C PRO A 279 22.27 11.48 15.07
N ALA A 280 21.18 12.26 15.19
CA ALA A 280 20.19 12.01 16.20
C ALA A 280 19.10 10.96 15.81
N PHE A 281 19.02 10.65 14.55
CA PHE A 281 18.02 9.76 14.00
C PHE A 281 18.60 8.89 12.90
N ASP A 282 17.95 7.78 12.60
CA ASP A 282 18.16 7.12 11.31
C ASP A 282 16.81 6.82 10.59
N VAL A 283 16.96 6.27 9.38
CA VAL A 283 15.85 5.89 8.53
C VAL A 283 15.65 4.38 8.36
N THR A 284 14.50 3.92 8.80
CA THR A 284 14.06 2.55 8.72
C THR A 284 13.17 2.40 7.50
N PRO A 285 13.53 1.52 6.59
CA PRO A 285 12.63 1.30 5.47
C PRO A 285 11.36 0.52 5.78
N PRO A 286 10.24 0.82 5.07
CA PRO A 286 8.93 0.21 5.31
C PRO A 286 8.93 -1.33 5.35
N GLU A 287 9.78 -1.96 4.54
CA GLU A 287 9.93 -3.45 4.52
C GLU A 287 10.27 -4.03 5.86
N TYR A 288 10.86 -3.26 6.76
CA TYR A 288 11.14 -3.73 8.12
C TYR A 288 10.09 -3.35 9.19
N ILE A 289 8.98 -2.77 8.75
CA ILE A 289 7.89 -2.38 9.67
C ILE A 289 6.66 -3.22 9.37
N ASP A 290 6.14 -3.89 10.38
CA ASP A 290 4.88 -4.69 10.34
CA ASP A 290 4.95 -4.68 10.16
C ASP A 290 3.67 -3.76 10.15
N VAL A 291 3.44 -2.96 11.19
CA VAL A 291 2.37 -1.99 11.28
C VAL A 291 2.88 -0.64 11.84
N ILE A 292 2.15 0.37 11.41
CA ILE A 292 2.05 1.66 12.10
C ILE A 292 0.70 1.78 12.80
N ILE A 293 0.75 2.09 14.09
CA ILE A 293 -0.42 2.26 14.94
C ILE A 293 -0.61 3.78 15.08
N THR A 294 -1.58 4.36 14.34
CA THR A 294 -2.03 5.72 14.50
C THR A 294 -3.29 5.78 15.38
N GLU A 295 -3.72 6.99 15.74
CA GLU A 295 -4.98 7.18 16.51
C GLU A 295 -6.22 6.77 15.69
N ARG A 296 -6.07 6.68 14.39
CA ARG A 296 -7.10 6.21 13.47
C ARG A 296 -7.04 4.73 13.08
N GLY A 297 -6.12 4.00 13.69
CA GLY A 297 -5.97 2.58 13.49
C GLY A 297 -4.64 2.07 12.95
N ILE A 298 -4.59 0.75 12.87
CA ILE A 298 -3.49 -0.05 12.33
C ILE A 298 -3.39 0.18 10.86
N ILE A 299 -2.19 0.54 10.37
CA ILE A 299 -1.97 0.53 8.95
C ILE A 299 -0.68 -0.22 8.55
N PRO A 300 -0.62 -0.70 7.32
CA PRO A 300 0.68 -1.10 6.83
C PRO A 300 1.51 0.15 6.57
N PRO A 301 2.85 0.06 6.68
CA PRO A 301 3.62 1.27 6.47
C PRO A 301 3.39 1.95 5.13
N TYR A 302 3.05 1.19 4.10
CA TYR A 302 2.81 1.77 2.77
C TYR A 302 1.52 2.60 2.62
N ALA A 303 0.66 2.53 3.62
CA ALA A 303 -0.51 3.42 3.74
C ALA A 303 -0.24 4.81 4.37
N ALA A 304 1.03 5.07 4.69
CA ALA A 304 1.44 6.41 5.08
C ALA A 304 0.99 7.49 4.03
N ILE A 305 1.04 7.17 2.76
CA ILE A 305 0.69 8.13 1.73
C ILE A 305 -0.84 8.50 1.84
N ASP A 306 -1.65 7.54 2.28
CA ASP A 306 -3.08 7.73 2.46
C ASP A 306 -3.38 8.69 3.62
N ILE A 307 -2.71 8.50 4.75
CA ILE A 307 -2.81 9.42 5.87
C ILE A 307 -2.43 10.86 5.43
N LEU A 308 -1.41 10.98 4.60
CA LEU A 308 -0.95 12.23 4.13
C LEU A 308 -1.93 12.82 3.10
N LYS A 309 -2.44 11.99 2.17
CA LYS A 309 -3.38 12.46 1.14
C LYS A 309 -4.63 13.02 1.81
N GLU A 310 -5.16 12.31 2.80
CA GLU A 310 -6.42 12.68 3.39
C GLU A 310 -6.35 13.82 4.44
N GLU A 311 -5.19 14.09 5.02
CA GLU A 311 -5.10 15.08 6.05
C GLU A 311 -4.21 16.29 5.76
N PHE A 312 -3.34 16.22 4.76
CA PHE A 312 -2.18 17.13 4.63
C PHE A 312 -1.95 17.62 3.20
N GLY A 313 -2.21 16.78 2.21
CA GLY A 313 -2.02 17.11 0.82
C GLY A 313 -2.52 18.48 0.42
N TRP A 314 -3.74 18.80 0.86
CA TRP A 314 -4.41 20.05 0.48
C TRP A 314 -3.52 21.32 0.67
N ALA A 315 -2.74 21.35 1.75
CA ALA A 315 -1.87 22.50 2.08
C ALA A 315 -0.65 22.68 1.18
N LEU A 316 -0.21 21.63 0.50
CA LEU A 316 1.04 21.69 -0.31
C LEU A 316 1.04 22.63 -1.52
N LYS A 317 -0.14 22.99 -2.03
CA LYS A 317 -0.27 24.07 -3.02
C LYS A 317 -0.18 25.51 -2.45
N TYR A 318 -0.27 25.67 -1.13
CA TYR A 318 0.02 26.96 -0.47
C TYR A 318 1.41 27.03 0.21
N LYS A 319 1.86 28.25 0.46
CA LYS A 319 3.05 28.48 1.27
C LYS A 319 2.77 28.15 2.74
N GLU A 320 3.81 28.11 3.55
CA GLU A 320 3.60 27.88 4.97
C GLU A 320 2.66 28.96 5.52
N PRO A 321 1.78 28.63 6.49
CA PRO A 321 0.91 29.62 7.06
C PRO A 321 1.58 30.70 7.91
N TRP A 322 2.91 30.73 8.01
CA TRP A 322 3.60 31.76 8.80
C TRP A 322 4.50 32.62 7.91
N GLU A 323 4.38 32.45 6.60
CA GLU A 323 5.16 33.17 5.57
C GLU A 323 4.38 34.38 5.00
N ASP A 324 5.15 35.31 4.43
CA ASP A 324 4.66 36.65 4.06
C ASP A 324 3.78 36.69 2.78
N ALA B 3 -36.10 -16.70 24.11
CA ALA B 3 -36.45 -16.66 22.64
C ALA B 3 -36.74 -18.05 21.99
N MET B 4 -37.73 -18.08 21.09
CA MET B 4 -38.18 -19.32 20.43
C MET B 4 -37.37 -19.55 19.16
N ILE B 5 -36.27 -20.29 19.29
CA ILE B 5 -35.34 -20.43 18.19
C ILE B 5 -35.67 -21.65 17.34
N VAL B 6 -35.81 -21.45 16.04
CA VAL B 6 -36.17 -22.58 15.17
C VAL B 6 -35.06 -23.63 15.09
N LYS B 7 -35.42 -24.87 14.79
CA LYS B 7 -34.41 -25.94 14.79
C LYS B 7 -33.33 -25.71 13.69
N GLU B 8 -33.69 -25.11 12.55
CA GLU B 8 -32.71 -24.79 11.51
C GLU B 8 -31.52 -23.94 12.01
N VAL B 9 -31.77 -23.06 12.97
CA VAL B 9 -30.68 -22.28 13.51
C VAL B 9 -29.72 -23.20 14.29
N TYR B 10 -30.27 -24.03 15.18
CA TYR B 10 -29.48 -24.98 15.96
C TYR B 10 -28.73 -26.00 15.11
N GLU B 11 -29.36 -26.42 14.00
CA GLU B 11 -28.84 -27.45 13.12
C GLU B 11 -27.68 -26.86 12.29
N THR B 12 -27.88 -25.65 11.79
CA THR B 12 -26.83 -24.92 11.10
C THR B 12 -25.59 -24.71 11.96
N ALA B 13 -25.82 -24.29 13.20
CA ALA B 13 -24.75 -24.04 14.15
C ALA B 13 -23.95 -25.33 14.42
N GLU B 14 -24.64 -26.43 14.62
CA GLU B 14 -24.07 -27.75 14.88
C GLU B 14 -23.21 -28.20 13.67
N LYS B 15 -23.76 -28.08 12.48
CA LYS B 15 -23.04 -28.43 11.25
C LYS B 15 -21.83 -27.56 10.90
N ILE B 16 -21.90 -26.29 11.32
CA ILE B 16 -20.76 -25.40 11.19
C ILE B 16 -19.64 -25.85 12.12
N LYS B 17 -19.96 -26.08 13.40
CA LYS B 17 -19.03 -26.55 14.41
C LYS B 17 -18.38 -27.86 14.03
N SER B 18 -19.15 -28.80 13.46
CA SER B 18 -18.67 -30.14 13.10
C SER B 18 -17.91 -30.16 11.79
N MET B 19 -17.96 -29.04 11.09
CA MET B 19 -17.45 -28.89 9.73
C MET B 19 -18.12 -29.73 8.63
N GLU B 20 -19.26 -30.31 8.94
CA GLU B 20 -20.15 -30.85 7.89
C GLU B 20 -20.47 -29.76 6.90
N ILE B 21 -20.68 -28.53 7.38
CA ILE B 21 -20.73 -27.36 6.53
C ILE B 21 -19.45 -26.59 6.79
N ARG B 22 -18.67 -26.33 5.76
CA ARG B 22 -17.31 -25.80 5.93
C ARG B 22 -16.92 -25.01 4.70
N GLY B 23 -15.81 -24.29 4.80
CA GLY B 23 -15.39 -23.34 3.73
C GLY B 23 -15.90 -21.97 4.21
N ALA B 24 -15.07 -20.93 4.14
CA ALA B 24 -15.43 -19.66 4.74
C ALA B 24 -16.67 -19.00 4.15
N GLY B 25 -16.77 -18.97 2.86
CA GLY B 25 -17.89 -18.34 2.22
C GLY B 25 -19.14 -19.16 2.44
N ARG B 26 -19.00 -20.47 2.34
CA ARG B 26 -20.15 -21.33 2.54
C ARG B 26 -20.77 -21.17 3.94
N ILE B 27 -19.96 -21.13 5.01
CA ILE B 27 -20.52 -20.97 6.34
C ILE B 27 -21.17 -19.56 6.51
N ALA B 28 -20.71 -18.58 5.75
CA ALA B 28 -21.29 -17.26 5.85
C ALA B 28 -22.68 -17.28 5.23
N ARG B 29 -22.78 -17.89 4.05
CA ARG B 29 -24.05 -18.03 3.41
C ARG B 29 -24.99 -18.82 4.28
N ALA B 30 -24.51 -19.89 4.89
CA ALA B 30 -25.38 -20.72 5.70
C ALA B 30 -25.88 -19.99 6.96
N ALA B 31 -25.10 -19.06 7.47
CA ALA B 31 -25.55 -18.28 8.61
C ALA B 31 -26.63 -17.25 8.25
N ALA B 32 -26.47 -16.57 7.12
CA ALA B 32 -27.51 -15.68 6.57
C ALA B 32 -28.83 -16.45 6.37
N GLN B 33 -28.71 -17.59 5.69
CA GLN B 33 -29.80 -18.50 5.49
C GLN B 33 -30.54 -18.89 6.75
N ALA B 34 -29.79 -19.24 7.78
CA ALA B 34 -30.38 -19.61 9.02
C ALA B 34 -31.17 -18.42 9.59
N LEU B 35 -30.65 -17.20 9.52
CA LEU B 35 -31.43 -16.04 10.00
C LEU B 35 -32.68 -15.84 9.15
N MET B 36 -32.55 -16.00 7.84
CA MET B 36 -33.68 -15.93 6.91
C MET B 36 -34.84 -16.81 7.36
N ILE B 37 -34.50 -18.01 7.77
CA ILE B 37 -35.44 -19.05 8.11
C ILE B 37 -36.07 -18.76 9.48
N GLN B 38 -35.26 -18.34 10.45
CA GLN B 38 -35.79 -17.85 11.71
C GLN B 38 -36.86 -16.77 11.45
N ALA B 39 -36.60 -15.86 10.52
CA ALA B 39 -37.52 -14.77 10.20
C ALA B 39 -38.78 -15.28 9.46
N GLU B 40 -38.60 -16.14 8.47
CA GLU B 40 -39.72 -16.76 7.74
C GLU B 40 -40.70 -17.47 8.66
N LYS B 41 -40.16 -18.32 9.55
CA LYS B 41 -40.91 -19.21 10.44
C LYS B 41 -41.26 -18.67 11.85
N SER B 42 -40.80 -17.45 12.18
CA SER B 42 -41.05 -16.90 13.49
C SER B 42 -42.55 -16.84 13.78
N LYS B 43 -42.94 -17.17 15.00
CA LYS B 43 -44.31 -17.01 15.51
C LYS B 43 -44.44 -15.68 16.25
N ALA B 44 -43.39 -14.86 16.26
CA ALA B 44 -43.43 -13.56 16.95
C ALA B 44 -44.64 -12.72 16.55
N LYS B 45 -45.19 -12.01 17.54
CA LYS B 45 -46.40 -11.17 17.39
C LYS B 45 -46.00 -9.71 17.30
N GLU B 46 -45.02 -9.33 18.12
CA GLU B 46 -44.44 -7.98 18.14
C GLU B 46 -43.05 -7.91 17.47
N PRO B 47 -42.69 -6.76 16.89
CA PRO B 47 -41.34 -6.57 16.37
C PRO B 47 -40.25 -6.82 17.43
N GLU B 48 -40.46 -6.36 18.65
CA GLU B 48 -39.51 -6.62 19.74
C GLU B 48 -39.17 -8.13 19.94
N GLU B 49 -40.14 -8.97 19.69
CA GLU B 49 -40.00 -10.36 19.97
C GLU B 49 -39.22 -11.04 18.82
N LEU B 50 -39.51 -10.64 17.58
CA LEU B 50 -38.77 -11.09 16.42
C LEU B 50 -37.29 -10.65 16.52
N TRP B 51 -37.11 -9.39 16.93
CA TRP B 51 -35.80 -8.74 17.04
C TRP B 51 -34.94 -9.54 18.03
N ASN B 52 -35.54 -9.87 19.15
CA ASN B 52 -34.90 -10.65 20.14
C ASN B 52 -34.49 -12.08 19.63
N GLU B 53 -35.34 -12.69 18.82
CA GLU B 53 -35.05 -13.97 18.22
C GLU B 53 -33.85 -13.88 17.26
N LEU B 54 -33.83 -12.80 16.50
CA LEU B 54 -32.79 -12.58 15.54
C LEU B 54 -31.48 -12.34 16.28
N LYS B 55 -31.51 -11.65 17.42
CA LYS B 55 -30.29 -11.42 18.17
C LYS B 55 -29.77 -12.72 18.79
N VAL B 56 -30.67 -13.55 19.26
CA VAL B 56 -30.26 -14.76 19.90
C VAL B 56 -29.76 -15.76 18.85
N ALA B 57 -30.43 -15.85 17.71
CA ALA B 57 -29.93 -16.68 16.65
C ALA B 57 -28.56 -16.18 16.13
N SER B 58 -28.41 -14.88 15.94
CA SER B 58 -27.16 -14.34 15.54
C SER B 58 -26.00 -14.80 16.52
N LYS B 59 -26.24 -14.78 17.81
CA LYS B 59 -25.26 -15.11 18.78
C LYS B 59 -24.92 -16.58 18.70
N ILE B 60 -25.94 -17.44 18.57
CA ILE B 60 -25.68 -18.84 18.45
C ILE B 60 -24.83 -19.12 17.21
N LEU B 61 -25.11 -18.44 16.10
CA LEU B 61 -24.36 -18.65 14.88
C LEU B 61 -22.94 -18.10 14.98
N TYR B 62 -22.78 -17.00 15.71
CA TYR B 62 -21.50 -16.38 15.91
C TYR B 62 -20.55 -17.27 16.75
N ASN B 63 -21.06 -17.97 17.74
CA ASN B 63 -20.29 -18.84 18.64
C ASN B 63 -20.08 -20.28 18.08
N THR B 64 -19.88 -20.40 16.77
CA THR B 64 -19.71 -21.68 16.15
C THR B 64 -18.22 -21.79 15.94
N ARG B 65 -17.66 -21.03 14.98
CA ARG B 65 -16.27 -21.06 14.65
C ARG B 65 -15.72 -19.65 14.58
N PRO B 66 -14.57 -19.42 15.22
CA PRO B 66 -14.10 -18.06 15.42
C PRO B 66 -13.33 -17.44 14.30
N THR B 67 -12.57 -18.20 13.55
CA THR B 67 -11.48 -17.57 12.81
C THR B 67 -11.92 -16.87 11.55
N ALA B 68 -12.79 -17.53 10.80
CA ALA B 68 -13.23 -16.94 9.52
C ALA B 68 -14.22 -15.79 9.79
N VAL B 69 -13.77 -14.58 9.52
CA VAL B 69 -14.59 -13.42 9.68
C VAL B 69 -15.77 -13.31 8.68
N SER B 70 -15.76 -14.09 7.61
CA SER B 70 -16.91 -14.14 6.70
C SER B 70 -18.24 -14.34 7.46
N LEU B 71 -18.22 -15.22 8.48
CA LEU B 71 -19.42 -15.52 9.24
C LEU B 71 -20.04 -14.28 10.01
N PRO B 72 -19.30 -13.70 10.99
CA PRO B 72 -19.67 -12.42 11.59
C PRO B 72 -20.07 -11.36 10.57
N ASN B 73 -19.33 -11.26 9.47
CA ASN B 73 -19.68 -10.27 8.41
C ASN B 73 -21.06 -10.53 7.74
N ALA B 74 -21.41 -11.80 7.61
CA ALA B 74 -22.71 -12.15 7.08
C ALA B 74 -23.84 -11.77 8.07
N LEU B 75 -23.63 -12.13 9.32
CA LEU B 75 -24.50 -11.76 10.37
C LEU B 75 -24.64 -10.25 10.45
N ARG B 76 -23.54 -9.51 10.29
CA ARG B 76 -23.61 -8.08 10.39
C ARG B 76 -24.40 -7.48 9.24
N TYR B 77 -24.19 -8.01 8.04
CA TYR B 77 -24.89 -7.52 6.88
C TYR B 77 -26.41 -7.55 7.15
N VAL B 78 -26.89 -8.70 7.53
CA VAL B 78 -28.29 -8.90 7.82
C VAL B 78 -28.68 -8.04 9.01
N MET B 79 -27.94 -8.16 10.10
CA MET B 79 -28.33 -7.52 11.36
C MET B 79 -28.17 -6.00 11.44
N HIS B 80 -27.23 -5.37 10.75
CA HIS B 80 -27.22 -3.91 10.70
C HIS B 80 -28.57 -3.40 10.10
N ARG B 81 -29.03 -4.07 9.05
CA ARG B 81 -30.26 -3.71 8.37
C ARG B 81 -31.47 -4.03 9.23
N VAL B 82 -31.48 -5.19 9.89
CA VAL B 82 -32.53 -5.50 10.85
C VAL B 82 -32.56 -4.49 12.04
N LYS B 83 -31.40 -4.13 12.59
CA LYS B 83 -31.40 -3.20 13.68
C LYS B 83 -31.90 -1.84 13.23
N ALA B 84 -31.42 -1.31 12.11
CA ALA B 84 -31.90 -0.01 11.67
C ALA B 84 -33.42 0.02 11.47
N ALA B 85 -34.00 -1.03 10.90
CA ALA B 85 -35.46 -1.08 10.72
C ALA B 85 -36.19 -1.16 12.08
N TYR B 86 -35.72 -2.01 13.01
CA TYR B 86 -36.39 -2.13 14.32
C TYR B 86 -36.41 -0.77 15.01
N LEU B 87 -35.24 -0.14 15.07
CA LEU B 87 -35.07 1.14 15.72
C LEU B 87 -35.76 2.29 15.01
N GLY B 88 -35.86 2.24 13.70
CA GLY B 88 -36.64 3.23 12.97
C GLY B 88 -38.15 2.94 12.95
N GLY B 89 -38.60 2.03 13.83
CA GLY B 89 -40.01 1.83 14.13
C GLY B 89 -40.78 0.80 13.33
N ALA B 90 -40.12 0.07 12.43
CA ALA B 90 -40.78 -0.92 11.58
C ALA B 90 -41.68 -1.82 12.38
N ASP B 91 -42.75 -2.24 11.71
CA ASP B 91 -43.78 -3.12 12.25
C ASP B 91 -43.32 -4.54 12.00
N LEU B 92 -44.12 -5.52 12.42
CA LEU B 92 -43.68 -6.90 12.47
C LEU B 92 -43.23 -7.33 11.09
N GLU B 93 -44.12 -7.18 10.12
CA GLU B 93 -43.91 -7.72 8.78
C GLU B 93 -42.82 -7.00 8.01
N THR B 94 -42.62 -5.73 8.30
CA THR B 94 -41.56 -5.00 7.69
C THR B 94 -40.18 -5.47 8.19
N LEU B 95 -40.11 -5.80 9.49
CA LEU B 95 -38.90 -6.31 10.14
C LEU B 95 -38.54 -7.73 9.63
N ARG B 96 -39.54 -8.61 9.56
CA ARG B 96 -39.43 -9.90 8.93
C ARG B 96 -38.85 -9.80 7.52
N PHE B 97 -39.42 -8.93 6.69
CA PHE B 97 -39.02 -8.85 5.34
C PHE B 97 -37.62 -8.28 5.28
N THR B 98 -37.27 -7.29 6.09
CA THR B 98 -35.95 -6.73 6.10
C THR B 98 -34.89 -7.84 6.35
N ALA B 99 -35.18 -8.74 7.30
CA ALA B 99 -34.28 -9.84 7.65
C ALA B 99 -34.16 -10.80 6.49
N ILE B 100 -35.31 -11.25 5.97
CA ILE B 100 -35.35 -12.23 4.88
C ILE B 100 -34.58 -11.75 3.67
N ASN B 101 -34.77 -10.49 3.37
CA ASN B 101 -34.34 -9.95 2.16
C ASN B 101 -32.89 -9.53 2.24
N SER B 102 -32.49 -9.10 3.43
CA SER B 102 -31.10 -8.81 3.70
C SER B 102 -30.27 -10.11 3.62
N ALA B 103 -30.79 -11.19 4.17
CA ALA B 103 -30.15 -12.50 4.06
C ALA B 103 -30.02 -12.93 2.60
N LYS B 104 -31.06 -12.70 1.81
CA LYS B 104 -31.07 -13.10 0.41
C LYS B 104 -30.05 -12.35 -0.40
N GLU B 105 -29.92 -11.09 -0.10
CA GLU B 105 -29.01 -10.20 -0.81
C GLU B 105 -27.50 -10.56 -0.53
N PHE B 106 -27.21 -10.95 0.73
CA PHE B 106 -25.88 -11.42 1.10
C PHE B 106 -25.57 -12.74 0.37
N ILE B 107 -26.52 -13.68 0.42
CA ILE B 107 -26.35 -14.97 -0.29
C ILE B 107 -26.04 -14.73 -1.77
N TYR B 108 -26.85 -13.88 -2.40
CA TYR B 108 -26.72 -13.61 -3.83
C TYR B 108 -25.40 -12.90 -4.15
N ASN B 109 -25.10 -11.87 -3.37
CA ASN B 109 -23.84 -11.18 -3.47
C ASN B 109 -22.60 -12.11 -3.33
N SER B 110 -22.67 -13.08 -2.42
CA SER B 110 -21.61 -14.04 -2.24
C SER B 110 -21.42 -14.91 -3.47
N GLU B 111 -22.52 -15.41 -4.05
CA GLU B 111 -22.42 -16.22 -5.27
C GLU B 111 -21.85 -15.43 -6.45
N LYS B 112 -22.28 -14.19 -6.59
CA LYS B 112 -21.78 -13.39 -7.71
C LYS B 112 -20.29 -12.99 -7.59
N ALA B 113 -19.87 -12.75 -6.35
CA ALA B 113 -18.56 -12.30 -6.04
C ALA B 113 -17.55 -13.44 -6.36
N ILE B 114 -17.91 -14.68 -6.03
CA ILE B 114 -17.12 -15.88 -6.34
C ILE B 114 -16.99 -16.08 -7.84
N GLU B 115 -18.06 -15.86 -8.56
CA GLU B 115 -18.02 -15.88 -10.01
C GLU B 115 -17.07 -14.79 -10.55
N ARG B 116 -17.17 -13.58 -10.04
CA ARG B 116 -16.38 -12.45 -10.57
C ARG B 116 -14.83 -12.63 -10.28
N ILE B 117 -14.56 -13.10 -9.08
CA ILE B 117 -13.20 -13.50 -8.67
C ILE B 117 -12.58 -14.52 -9.61
N GLY B 118 -13.36 -15.53 -9.96
CA GLY B 118 -13.02 -16.44 -11.07
C GLY B 118 -12.67 -15.79 -12.39
N GLU B 119 -13.48 -14.84 -12.80
CA GLU B 119 -13.27 -14.17 -14.09
C GLU B 119 -12.05 -13.28 -14.06
N ILE B 120 -11.86 -12.59 -12.96
CA ILE B 120 -10.71 -11.69 -12.79
C ILE B 120 -9.43 -12.52 -12.64
N GLY B 121 -9.45 -13.49 -11.72
CA GLY B 121 -8.25 -14.32 -11.48
C GLY B 121 -7.83 -15.13 -12.71
N ALA B 122 -8.81 -15.62 -13.45
CA ALA B 122 -8.50 -16.44 -14.63
C ALA B 122 -7.65 -15.72 -15.60
N LYS B 123 -7.77 -14.41 -15.69
CA LYS B 123 -6.94 -13.64 -16.61
C LYS B 123 -5.47 -13.66 -16.25
N ARG B 124 -5.16 -13.94 -15.00
CA ARG B 124 -3.76 -14.08 -14.60
C ARG B 124 -3.18 -15.46 -14.85
N ILE B 125 -4.00 -16.42 -15.28
CA ILE B 125 -3.56 -17.78 -15.49
C ILE B 125 -3.28 -17.85 -16.98
N GLU B 126 -2.18 -18.48 -17.37
CA GLU B 126 -1.77 -18.50 -18.76
C GLU B 126 -1.75 -19.96 -19.21
N ASP B 127 -1.81 -20.12 -20.51
CA ASP B 127 -1.87 -21.43 -21.14
C ASP B 127 -0.61 -22.23 -20.75
N GLY B 128 -0.79 -23.48 -20.42
CA GLY B 128 0.32 -24.31 -19.87
C GLY B 128 0.67 -24.21 -18.39
N ASP B 129 -0.01 -23.35 -17.65
CA ASP B 129 0.39 -23.14 -16.24
C ASP B 129 0.18 -24.39 -15.38
N ILE B 130 1.19 -24.67 -14.55
CA ILE B 130 1.05 -25.56 -13.41
C ILE B 130 0.71 -24.71 -12.20
N ILE B 131 -0.42 -25.00 -11.54
CA ILE B 131 -0.93 -24.19 -10.45
C ILE B 131 -0.91 -25.02 -9.20
N MET B 132 -0.30 -24.54 -8.12
CA MET B 132 -0.47 -25.29 -6.84
C MET B 132 -1.51 -24.58 -5.99
N THR B 133 -2.32 -25.36 -5.28
CA THR B 133 -3.37 -24.85 -4.40
C THR B 133 -3.29 -25.56 -3.08
N HIS B 134 -4.16 -25.23 -2.11
CA HIS B 134 -4.07 -25.84 -0.79
C HIS B 134 -5.50 -25.86 -0.24
N CYS B 135 -5.86 -26.86 0.53
CA CYS B 135 -7.23 -27.03 1.07
C CYS B 135 -8.27 -27.06 -0.04
N HIS B 136 -9.50 -26.70 0.31
CA HIS B 136 -10.57 -26.59 -0.68
C HIS B 136 -11.23 -25.20 -0.54
N SER B 137 -10.97 -24.34 -1.51
CA SER B 137 -11.47 -22.98 -1.50
C SER B 137 -12.27 -22.80 -2.77
N LYS B 138 -13.58 -22.50 -2.59
CA LYS B 138 -14.43 -22.20 -3.74
C LYS B 138 -13.95 -21.03 -4.51
N ALA B 139 -13.41 -20.03 -3.84
CA ALA B 139 -12.91 -18.85 -4.57
C ALA B 139 -11.70 -19.21 -5.45
N ALA B 140 -10.76 -19.95 -4.87
CA ALA B 140 -9.59 -20.37 -5.67
C ALA B 140 -10.00 -21.26 -6.82
N ILE B 141 -10.87 -22.23 -6.53
CA ILE B 141 -11.38 -23.13 -7.60
C ILE B 141 -12.08 -22.40 -8.73
N SER B 142 -12.85 -21.35 -8.39
CA SER B 142 -13.57 -20.60 -9.43
C SER B 142 -12.54 -20.07 -10.42
N VAL B 143 -11.38 -19.66 -9.91
CA VAL B 143 -10.32 -19.11 -10.78
C VAL B 143 -9.79 -20.18 -11.77
N MET B 144 -9.48 -21.36 -11.20
CA MET B 144 -8.94 -22.49 -11.97
C MET B 144 -9.95 -23.04 -12.98
N LYS B 145 -11.17 -23.21 -12.50
CA LYS B 145 -12.28 -23.62 -13.37
C LYS B 145 -12.45 -22.69 -14.57
N LYS B 146 -12.52 -21.38 -14.34
CA LYS B 146 -12.70 -20.45 -15.45
C LYS B 146 -11.51 -20.45 -16.40
N ALA B 147 -10.30 -20.56 -15.87
CA ALA B 147 -9.11 -20.56 -16.76
C ALA B 147 -9.19 -21.74 -17.75
N PHE B 148 -9.59 -22.90 -17.22
CA PHE B 148 -9.77 -24.06 -18.03
C PHE B 148 -10.87 -23.84 -19.11
N GLU B 149 -11.96 -23.21 -18.72
CA GLU B 149 -13.10 -22.94 -19.60
C GLU B 149 -12.71 -22.01 -20.70
N GLN B 150 -11.80 -21.11 -20.42
CA GLN B 150 -11.23 -20.28 -21.47
C GLN B 150 -10.31 -21.07 -22.43
N GLY B 151 -10.05 -22.36 -22.18
CA GLY B 151 -9.26 -23.19 -23.08
C GLY B 151 -7.78 -23.20 -22.78
N LYS B 152 -7.41 -22.64 -21.64
CA LYS B 152 -6.04 -22.74 -21.16
C LYS B 152 -5.77 -24.17 -20.62
N ASN B 153 -4.71 -24.78 -21.09
CA ASN B 153 -4.38 -26.14 -20.64
C ASN B 153 -3.61 -26.00 -19.38
N ILE B 154 -4.26 -26.28 -18.27
CA ILE B 154 -3.64 -26.15 -16.97
C ILE B 154 -3.56 -27.48 -16.28
N LYS B 155 -2.73 -27.57 -15.28
CA LYS B 155 -2.69 -28.72 -14.42
C LYS B 155 -2.55 -28.22 -13.01
N VAL B 156 -3.22 -28.89 -12.05
CA VAL B 156 -3.21 -28.42 -10.69
C VAL B 156 -2.65 -29.39 -9.73
N ILE B 157 -1.69 -28.91 -8.93
CA ILE B 157 -1.10 -29.63 -7.87
C ILE B 157 -1.91 -29.32 -6.63
N VAL B 158 -2.50 -30.35 -6.10
CA VAL B 158 -3.39 -30.25 -5.01
C VAL B 158 -2.67 -30.92 -3.83
N THR B 159 -2.57 -30.20 -2.73
CA THR B 159 -2.04 -30.72 -1.48
C THR B 159 -3.14 -31.33 -0.68
N GLU B 160 -2.86 -32.48 -0.03
CA GLU B 160 -3.93 -33.22 0.62
C GLU B 160 -4.60 -32.49 1.76
N THR B 161 -3.87 -31.60 2.39
CA THR B 161 -4.37 -30.75 3.43
C THR B 161 -4.90 -31.50 4.69
N ARG B 162 -3.94 -32.02 5.43
CA ARG B 162 -4.17 -32.60 6.75
C ARG B 162 -4.56 -31.56 7.76
N PRO B 163 -5.26 -31.96 8.81
CA PRO B 163 -5.70 -33.32 9.11
C PRO B 163 -7.03 -33.79 8.47
N LYS B 164 -7.84 -32.83 8.00
CA LYS B 164 -9.20 -33.11 7.56
C LYS B 164 -9.35 -33.49 6.11
N TRP B 165 -8.25 -33.49 5.37
CA TRP B 165 -8.16 -33.97 4.03
C TRP B 165 -8.98 -33.21 2.98
N GLN B 166 -9.10 -31.90 3.13
CA GLN B 166 -9.88 -31.14 2.18
C GLN B 166 -9.31 -31.18 0.79
N GLY B 167 -8.02 -31.53 0.64
CA GLY B 167 -7.51 -31.69 -0.71
C GLY B 167 -8.24 -32.74 -1.56
N LYS B 168 -8.76 -33.75 -0.90
CA LYS B 168 -9.50 -34.80 -1.59
C LYS B 168 -10.70 -34.26 -2.32
N ILE B 169 -11.34 -33.34 -1.66
CA ILE B 169 -12.50 -32.62 -2.21
C ILE B 169 -12.04 -31.88 -3.45
N THR B 170 -10.91 -31.17 -3.31
CA THR B 170 -10.47 -30.30 -4.38
C THR B 170 -10.04 -31.10 -5.59
N ALA B 171 -9.36 -32.20 -5.32
CA ALA B 171 -8.85 -33.04 -6.39
C ALA B 171 -9.98 -33.60 -7.27
N LYS B 172 -10.94 -34.20 -6.59
CA LYS B 172 -12.14 -34.80 -7.22
C LYS B 172 -12.95 -33.75 -7.94
N GLU B 173 -13.03 -32.55 -7.36
CA GLU B 173 -13.85 -31.50 -7.96
C GLU B 173 -13.18 -30.95 -9.25
N LEU B 174 -11.88 -30.69 -9.17
CA LEU B 174 -11.16 -30.20 -10.34
C LEU B 174 -11.15 -31.25 -11.46
N ALA B 175 -10.98 -32.49 -11.08
CA ALA B 175 -10.96 -33.60 -12.11
C ALA B 175 -12.29 -33.69 -12.82
N SER B 176 -13.37 -33.53 -12.08
CA SER B 176 -14.74 -33.57 -12.64
C SER B 176 -15.01 -32.50 -13.68
N TYR B 177 -14.33 -31.36 -13.62
CA TYR B 177 -14.43 -30.33 -14.69
C TYR B 177 -13.56 -30.57 -15.86
N GLY B 178 -12.76 -31.63 -15.87
CA GLY B 178 -11.79 -31.85 -16.94
C GLY B 178 -10.33 -31.51 -16.65
N ILE B 179 -10.01 -31.06 -15.43
CA ILE B 179 -8.68 -30.54 -15.12
C ILE B 179 -7.81 -31.63 -14.54
N PRO B 180 -6.65 -31.89 -15.15
CA PRO B 180 -5.71 -32.85 -14.56
C PRO B 180 -5.15 -32.36 -13.24
N VAL B 181 -4.99 -33.29 -12.31
CA VAL B 181 -4.53 -33.03 -10.98
C VAL B 181 -3.32 -33.89 -10.68
N ILE B 182 -2.41 -33.31 -9.90
CA ILE B 182 -1.32 -34.03 -9.30
C ILE B 182 -1.53 -33.86 -7.80
N TYR B 183 -1.71 -34.97 -7.13
CA TYR B 183 -2.02 -34.95 -5.75
C TYR B 183 -0.79 -35.31 -4.99
N ILE B 184 -0.51 -34.55 -3.92
CA ILE B 184 0.68 -34.70 -3.08
C ILE B 184 0.41 -34.50 -1.60
N VAL B 185 1.30 -35.01 -0.76
CA VAL B 185 1.25 -34.67 0.63
C VAL B 185 1.74 -33.22 0.81
N ASP B 186 1.31 -32.60 1.92
CA ASP B 186 1.71 -31.19 2.22
C ASP B 186 3.25 -30.99 2.24
N SER B 187 3.95 -31.95 2.87
CA SER B 187 5.43 -31.93 2.98
C SER B 187 6.13 -31.85 1.63
N ALA B 188 5.43 -32.16 0.55
CA ALA B 188 6.06 -32.12 -0.78
C ALA B 188 6.01 -30.81 -1.51
N ALA B 189 5.38 -29.80 -0.90
CA ALA B 189 5.15 -28.54 -1.60
C ALA B 189 6.45 -27.82 -2.03
N ARG B 190 7.50 -27.89 -1.22
CA ARG B 190 8.79 -27.29 -1.63
C ARG B 190 9.36 -28.07 -2.78
N HIS B 191 9.38 -29.39 -2.62
CA HIS B 191 9.91 -30.28 -3.69
C HIS B 191 9.24 -30.03 -5.06
N TYR B 192 7.94 -29.72 -5.09
CA TYR B 192 7.36 -29.43 -6.38
C TYR B 192 7.22 -27.97 -6.69
N MET B 193 7.73 -27.07 -5.87
CA MET B 193 7.59 -25.64 -6.19
C MET B 193 8.36 -25.27 -7.44
N LYS B 194 9.52 -25.91 -7.66
CA LYS B 194 10.34 -25.79 -8.92
C LYS B 194 9.50 -25.89 -10.20
N MET B 195 8.52 -26.81 -10.25
CA MET B 195 7.78 -27.02 -11.50
C MET B 195 6.47 -26.17 -11.51
N THR B 196 6.16 -25.46 -10.43
CA THR B 196 4.91 -24.69 -10.32
C THR B 196 4.98 -23.30 -10.91
N ASP B 197 3.97 -22.87 -11.64
CA ASP B 197 3.99 -21.51 -12.24
C ASP B 197 3.27 -20.52 -11.36
N LYS B 198 2.20 -20.95 -10.67
CA LYS B 198 1.37 -20.05 -9.89
C LYS B 198 0.86 -20.78 -8.66
N VAL B 199 0.73 -20.07 -7.55
CA VAL B 199 0.05 -20.55 -6.37
C VAL B 199 -1.27 -19.76 -6.27
N VAL B 200 -2.37 -20.47 -6.03
CA VAL B 200 -3.72 -19.89 -5.93
C VAL B 200 -4.40 -20.53 -4.74
N MET B 201 -4.60 -19.76 -3.67
CA MET B 201 -5.26 -20.27 -2.46
C MET B 201 -6.37 -19.29 -2.03
N GLY B 202 -7.15 -19.75 -1.06
CA GLY B 202 -8.24 -18.90 -0.52
C GLY B 202 -7.84 -18.22 0.77
N ALA B 203 -8.85 -17.74 1.48
CA ALA B 203 -8.74 -17.03 2.77
C ALA B 203 -9.96 -17.14 3.63
N ASN B 204 -9.74 -17.20 4.95
CA ASN B 204 -10.79 -17.13 5.95
C ASN B 204 -10.97 -15.72 6.53
N SER B 205 -9.85 -15.04 6.73
CA SER B 205 -9.79 -13.66 7.27
C SER B 205 -8.52 -13.00 6.72
N ILE B 206 -8.64 -11.75 6.34
CA ILE B 206 -7.56 -10.93 5.84
C ILE B 206 -7.54 -9.66 6.68
N THR B 207 -6.37 -9.26 7.17
CA THR B 207 -6.22 -8.27 8.21
C THR B 207 -5.88 -6.95 7.56
N ALA B 208 -5.94 -5.94 8.40
CA ALA B 208 -5.71 -4.56 7.96
C ALA B 208 -4.31 -4.35 7.38
N ASN B 209 -3.32 -5.10 7.88
CA ASN B 209 -2.01 -4.95 7.28
C ASN B 209 -1.73 -5.87 6.09
N GLY B 210 -2.71 -6.67 5.69
CA GLY B 210 -2.59 -7.44 4.48
C GLY B 210 -2.20 -8.91 4.71
N ALA B 211 -2.17 -9.35 5.96
CA ALA B 211 -1.93 -10.71 6.30
C ALA B 211 -3.20 -11.57 6.00
N VAL B 212 -2.99 -12.79 5.58
CA VAL B 212 -4.02 -13.75 5.21
C VAL B 212 -3.99 -14.91 6.20
N ILE B 213 -5.12 -15.16 6.80
CA ILE B 213 -5.33 -16.31 7.69
C ILE B 213 -6.13 -17.31 6.88
N ASN B 214 -5.56 -18.52 6.74
CA ASN B 214 -6.11 -19.54 5.85
C ASN B 214 -5.69 -20.89 6.41
N LYS B 215 -6.19 -21.96 5.82
CA LYS B 215 -5.93 -23.30 6.30
C LYS B 215 -4.47 -23.52 6.70
N ILE B 216 -4.27 -24.15 7.86
CA ILE B 216 -2.98 -24.60 8.32
C ILE B 216 -2.12 -25.12 7.17
N GLY B 217 -0.95 -24.50 7.00
CA GLY B 217 0.03 -24.88 5.98
C GLY B 217 0.19 -23.87 4.86
N THR B 218 -0.79 -22.96 4.73
CA THR B 218 -0.81 -21.92 3.71
C THR B 218 0.46 -21.07 3.76
N SER B 219 0.88 -20.71 4.95
CA SER B 219 2.07 -19.89 5.15
C SER B 219 3.32 -20.55 4.68
N LEU B 220 3.38 -21.88 4.82
CA LEU B 220 4.53 -22.63 4.30
C LEU B 220 4.61 -22.66 2.81
N ILE B 221 3.48 -22.84 2.15
CA ILE B 221 3.46 -22.90 0.71
C ILE B 221 3.82 -21.53 0.21
N ALA B 222 3.31 -20.46 0.85
CA ALA B 222 3.65 -19.10 0.43
C ALA B 222 5.13 -18.72 0.58
N LEU B 223 5.72 -19.19 1.67
CA LEU B 223 7.11 -19.00 1.99
C LEU B 223 7.93 -19.63 0.91
N THR B 224 7.72 -20.92 0.62
CA THR B 224 8.58 -21.48 -0.42
C THR B 224 8.26 -20.97 -1.83
N ALA B 225 7.02 -20.59 -2.09
CA ALA B 225 6.69 -19.91 -3.35
C ALA B 225 7.52 -18.65 -3.55
N LYS B 226 7.59 -17.88 -2.48
CA LYS B 226 8.37 -16.64 -2.53
C LYS B 226 9.84 -16.95 -2.78
N GLU B 227 10.39 -17.83 -1.97
CA GLU B 227 11.70 -18.41 -2.20
C GLU B 227 11.97 -18.64 -3.68
N HIS B 228 10.99 -19.20 -4.36
CA HIS B 228 11.14 -19.57 -5.76
C HIS B 228 10.62 -18.62 -6.82
N ARG B 229 10.15 -17.45 -6.42
CA ARG B 229 9.53 -16.51 -7.35
C ARG B 229 8.33 -17.09 -8.07
N VAL B 230 7.57 -17.91 -7.39
CA VAL B 230 6.23 -18.28 -7.86
C VAL B 230 5.19 -17.30 -7.29
N TRP B 231 4.40 -16.71 -8.17
CA TRP B 231 3.32 -15.78 -7.73
C TRP B 231 2.39 -16.49 -6.82
N VAL B 232 2.18 -15.88 -5.66
CA VAL B 232 1.13 -16.30 -4.76
C VAL B 232 -0.10 -15.38 -4.92
N MET B 233 -1.22 -15.94 -5.35
CA MET B 233 -2.50 -15.23 -5.54
C MET B 233 -3.48 -15.76 -4.57
N ILE B 234 -4.12 -14.86 -3.82
CA ILE B 234 -5.12 -15.24 -2.88
C ILE B 234 -6.49 -14.78 -3.44
N ALA B 235 -7.43 -15.73 -3.64
CA ALA B 235 -8.78 -15.44 -4.17
C ALA B 235 -9.71 -15.31 -2.96
N ALA B 236 -10.30 -14.13 -2.80
CA ALA B 236 -10.98 -13.81 -1.57
C ALA B 236 -11.99 -12.65 -1.73
N GLU B 237 -13.20 -12.91 -1.26
CA GLU B 237 -14.32 -11.94 -1.36
C GLU B 237 -14.05 -10.81 -0.38
N THR B 238 -14.66 -9.64 -0.58
CA THR B 238 -14.52 -8.52 0.36
C THR B 238 -14.95 -8.86 1.79
N TYR B 239 -15.89 -9.77 1.94
CA TYR B 239 -16.31 -10.13 3.26
C TYR B 239 -15.36 -11.11 3.97
N LYS B 240 -14.28 -11.50 3.32
CA LYS B 240 -13.17 -12.13 4.07
C LYS B 240 -12.28 -11.10 4.83
N PHE B 241 -12.44 -9.83 4.54
CA PHE B 241 -11.68 -8.80 5.20
C PHE B 241 -12.19 -8.52 6.60
N HIS B 242 -11.26 -8.36 7.53
CA HIS B 242 -11.53 -8.38 8.96
C HIS B 242 -11.53 -6.98 9.59
N PRO B 243 -12.73 -6.48 9.96
CA PRO B 243 -12.77 -5.07 10.28
C PRO B 243 -12.21 -4.79 11.65
N ALA B 244 -12.44 -5.66 12.65
CA ALA B 244 -11.88 -5.40 13.98
C ALA B 244 -10.32 -5.24 13.96
N THR B 245 -9.62 -5.79 12.95
CA THR B 245 -8.15 -5.67 12.89
C THR B 245 -7.67 -4.24 12.66
N MET B 246 -8.56 -3.39 12.13
CA MET B 246 -8.27 -1.96 11.92
C MET B 246 -7.99 -1.23 13.24
N LEU B 247 -8.51 -1.77 14.34
CA LEU B 247 -8.36 -1.17 15.65
C LEU B 247 -7.58 -2.03 16.54
N GLY B 248 -6.70 -2.85 15.96
CA GLY B 248 -5.74 -3.60 16.74
C GLY B 248 -6.07 -5.03 17.10
N GLN B 249 -7.32 -5.44 16.88
CA GLN B 249 -7.73 -6.78 17.24
C GLN B 249 -6.86 -7.83 16.51
N LEU B 250 -6.46 -8.85 17.28
CA LEU B 250 -5.81 -10.03 16.70
C LEU B 250 -6.82 -11.09 16.42
N VAL B 251 -6.65 -11.77 15.28
CA VAL B 251 -7.51 -12.90 14.90
C VAL B 251 -7.22 -14.17 15.69
N GLU B 252 -8.21 -14.67 16.38
CA GLU B 252 -8.15 -15.98 17.04
C GLU B 252 -7.92 -17.14 16.04
N ILE B 253 -6.96 -18.02 16.35
CA ILE B 253 -6.71 -19.22 15.59
C ILE B 253 -7.43 -20.38 16.30
N GLU B 254 -8.45 -20.91 15.64
CA GLU B 254 -9.23 -22.09 16.08
C GLU B 254 -8.35 -23.28 16.32
N MET B 255 -8.45 -23.84 17.51
CA MET B 255 -7.70 -25.04 17.88
C MET B 255 -8.79 -26.10 17.93
N ARG B 256 -8.75 -27.06 17.03
CA ARG B 256 -9.77 -28.11 16.89
C ARG B 256 -9.38 -29.41 17.58
N ASP B 257 -10.32 -30.32 17.67
CA ASP B 257 -10.17 -31.49 18.46
C ASP B 257 -8.93 -32.33 18.05
N PRO B 258 -8.14 -32.78 19.02
CA PRO B 258 -7.05 -33.69 18.64
C PRO B 258 -7.42 -34.97 17.87
N THR B 259 -8.65 -35.43 18.00
CA THR B 259 -9.11 -36.65 17.28
C THR B 259 -9.21 -36.52 15.76
N GLU B 260 -9.21 -35.31 15.25
CA GLU B 260 -9.11 -35.13 13.80
C GLU B 260 -7.68 -35.51 13.33
N VAL B 261 -6.69 -35.46 14.22
CA VAL B 261 -5.35 -35.76 13.86
C VAL B 261 -5.09 -37.25 14.07
N ILE B 262 -5.37 -37.70 15.29
CA ILE B 262 -5.24 -39.10 15.68
C ILE B 262 -6.63 -39.59 16.09
N PRO B 263 -7.26 -40.51 15.35
CA PRO B 263 -8.66 -41.02 15.68
C PRO B 263 -8.75 -41.51 17.10
N GLU B 264 -9.90 -41.32 17.74
CA GLU B 264 -10.14 -41.60 19.18
C GLU B 264 -9.60 -42.98 19.61
N GLU B 265 -9.89 -44.03 18.87
CA GLU B 265 -9.42 -45.40 19.22
C GLU B 265 -7.91 -45.46 19.44
N GLU B 266 -7.16 -44.91 18.48
CA GLU B 266 -5.69 -44.84 18.58
C GLU B 266 -5.23 -43.94 19.72
N LEU B 267 -5.80 -42.75 19.76
CA LEU B 267 -5.37 -41.71 20.67
C LEU B 267 -5.55 -42.13 22.11
N ARG B 268 -6.59 -42.90 22.42
CA ARG B 268 -6.79 -43.29 23.84
C ARG B 268 -5.72 -44.26 24.34
N THR B 269 -5.01 -44.94 23.43
CA THR B 269 -3.89 -45.79 23.81
C THR B 269 -2.56 -45.06 24.03
N TRP B 270 -2.51 -43.72 23.85
CA TRP B 270 -1.23 -42.99 23.87
C TRP B 270 -0.92 -42.54 25.28
N PRO B 271 0.38 -42.46 25.67
CA PRO B 271 0.67 -41.97 27.02
C PRO B 271 0.27 -40.50 27.18
N LYS B 272 0.02 -40.10 28.41
CA LYS B 272 -0.44 -38.75 28.73
C LYS B 272 0.56 -37.62 28.45
N ASN B 273 1.84 -37.93 28.26
CA ASN B 273 2.84 -36.88 28.07
C ASN B 273 3.04 -36.61 26.55
N ILE B 274 2.19 -37.15 25.68
CA ILE B 274 2.04 -36.66 24.30
C ILE B 274 0.77 -35.77 24.24
N GLU B 275 0.95 -34.53 23.81
CA GLU B 275 -0.15 -33.60 23.53
C GLU B 275 -0.30 -33.53 22.04
N VAL B 276 -1.52 -33.66 21.53
CA VAL B 276 -1.74 -33.38 20.11
C VAL B 276 -2.26 -31.95 19.98
N TRP B 277 -1.61 -31.12 19.16
CA TRP B 277 -2.04 -29.74 18.91
C TRP B 277 -2.54 -29.58 17.45
N ASN B 278 -3.73 -29.01 17.27
CA ASN B 278 -4.41 -29.00 15.97
C ASN B 278 -5.00 -27.64 15.62
N PRO B 279 -4.15 -26.69 15.22
CA PRO B 279 -4.57 -25.39 14.76
C PRO B 279 -5.14 -25.55 13.38
N ALA B 280 -6.28 -24.94 13.13
CA ALA B 280 -6.92 -25.15 11.84
C ALA B 280 -6.46 -24.10 10.84
N PHE B 281 -5.76 -23.06 11.31
CA PHE B 281 -5.25 -21.98 10.43
C PHE B 281 -3.83 -21.53 10.80
N ASP B 282 -3.16 -20.89 9.84
CA ASP B 282 -2.02 -20.07 10.13
C ASP B 282 -2.07 -18.71 9.44
N VAL B 283 -1.05 -17.87 9.70
CA VAL B 283 -0.94 -16.50 9.19
C VAL B 283 0.21 -16.35 8.23
N THR B 284 -0.13 -16.00 7.00
CA THR B 284 0.76 -15.69 5.96
C THR B 284 0.99 -14.19 5.85
N PRO B 285 2.24 -13.75 5.95
CA PRO B 285 2.45 -12.28 5.94
C PRO B 285 2.35 -11.73 4.57
N PRO B 286 2.07 -10.42 4.47
CA PRO B 286 1.80 -9.83 3.15
C PRO B 286 3.00 -9.83 2.19
N GLU B 287 4.21 -9.82 2.73
CA GLU B 287 5.46 -9.99 1.91
C GLU B 287 5.39 -11.20 1.02
N TYR B 288 4.68 -12.25 1.46
CA TYR B 288 4.58 -13.52 0.69
C TYR B 288 3.36 -13.62 -0.24
N ILE B 289 2.62 -12.53 -0.40
CA ILE B 289 1.43 -12.50 -1.27
C ILE B 289 1.70 -11.48 -2.35
N ASP B 290 1.60 -11.88 -3.60
CA ASP B 290 1.70 -11.04 -4.82
CA ASP B 290 1.76 -10.96 -4.70
C ASP B 290 0.41 -10.19 -4.98
N VAL B 291 -0.75 -10.87 -5.03
CA VAL B 291 -2.06 -10.20 -5.14
C VAL B 291 -3.14 -10.89 -4.39
N ILE B 292 -4.15 -10.10 -4.03
CA ILE B 292 -5.39 -10.59 -3.55
C ILE B 292 -6.35 -10.28 -4.69
N ILE B 293 -7.19 -11.25 -5.07
CA ILE B 293 -8.18 -11.13 -6.16
C ILE B 293 -9.52 -11.07 -5.43
N THR B 294 -10.12 -9.87 -5.41
CA THR B 294 -11.46 -9.74 -4.84
C THR B 294 -12.44 -9.52 -5.97
N GLU B 295 -13.72 -9.51 -5.62
CA GLU B 295 -14.76 -9.26 -6.60
C GLU B 295 -14.66 -7.84 -7.14
N ARG B 296 -13.90 -6.95 -6.47
CA ARG B 296 -13.66 -5.59 -7.03
C ARG B 296 -12.35 -5.39 -7.72
N GLY B 297 -11.54 -6.42 -7.76
CA GLY B 297 -10.34 -6.40 -8.59
C GLY B 297 -9.12 -7.00 -7.88
N ILE B 298 -8.02 -6.88 -8.57
CA ILE B 298 -6.69 -7.26 -8.13
C ILE B 298 -6.17 -6.11 -7.29
N ILE B 299 -5.75 -6.40 -6.06
CA ILE B 299 -5.03 -5.48 -5.21
C ILE B 299 -3.73 -6.09 -4.67
N PRO B 300 -2.77 -5.23 -4.29
CA PRO B 300 -1.70 -5.73 -3.43
C PRO B 300 -2.22 -5.99 -2.05
N PRO B 301 -1.57 -6.88 -1.30
CA PRO B 301 -2.13 -7.23 0.00
C PRO B 301 -2.25 -6.06 0.92
N TYR B 302 -1.26 -5.17 0.83
CA TYR B 302 -1.27 -3.90 1.59
C TYR B 302 -2.49 -2.95 1.33
N ALA B 303 -3.26 -3.16 0.26
CA ALA B 303 -4.50 -2.45 0.09
C ALA B 303 -5.65 -3.09 0.77
N ALA B 304 -5.43 -4.08 1.64
CA ALA B 304 -6.52 -4.59 2.48
C ALA B 304 -7.15 -3.51 3.32
N ILE B 305 -6.32 -2.61 3.82
CA ILE B 305 -6.81 -1.47 4.63
C ILE B 305 -7.86 -0.65 3.87
N ASP B 306 -7.65 -0.49 2.57
CA ASP B 306 -8.58 0.26 1.71
C ASP B 306 -9.94 -0.40 1.52
N ILE B 307 -9.98 -1.70 1.32
CA ILE B 307 -11.21 -2.47 1.28
C ILE B 307 -11.93 -2.29 2.63
N LEU B 308 -11.16 -2.30 3.69
CA LEU B 308 -11.75 -2.18 5.00
C LEU B 308 -12.25 -0.76 5.32
N LYS B 309 -11.50 0.27 4.88
CA LYS B 309 -11.84 1.67 5.12
C LYS B 309 -13.19 1.94 4.44
N GLU B 310 -13.26 1.61 3.18
CA GLU B 310 -14.37 2.03 2.42
C GLU B 310 -15.62 1.18 2.63
N GLU B 311 -15.54 -0.12 2.97
CA GLU B 311 -16.75 -0.90 3.22
C GLU B 311 -17.13 -1.10 4.69
N PHE B 312 -16.15 -1.20 5.58
CA PHE B 312 -16.46 -1.76 6.92
C PHE B 312 -16.15 -0.85 8.04
N GLY B 313 -15.24 0.11 7.83
CA GLY B 313 -14.75 0.96 8.92
C GLY B 313 -15.83 1.73 9.67
N TRP B 314 -16.84 2.19 8.92
CA TRP B 314 -18.00 2.93 9.47
C TRP B 314 -18.61 2.21 10.70
N ALA B 315 -18.64 0.87 10.69
CA ALA B 315 -19.37 0.11 11.72
C ALA B 315 -18.70 0.06 13.09
N LEU B 316 -17.43 0.42 13.13
CA LEU B 316 -16.58 0.17 14.31
C LEU B 316 -16.82 1.12 15.50
N LYS B 317 -17.43 2.29 15.24
CA LYS B 317 -17.93 3.18 16.32
C LYS B 317 -19.17 2.59 17.07
N TYR B 318 -19.90 1.68 16.44
CA TYR B 318 -21.09 1.04 17.03
C TYR B 318 -20.74 -0.33 17.56
N LYS B 319 -21.50 -0.77 18.56
CA LYS B 319 -21.45 -2.15 19.05
C LYS B 319 -21.93 -3.13 17.95
N GLU B 320 -21.79 -4.43 18.16
CA GLU B 320 -22.32 -5.43 17.20
C GLU B 320 -23.86 -5.28 17.08
N PRO B 321 -24.40 -5.43 15.85
CA PRO B 321 -25.80 -5.16 15.63
C PRO B 321 -26.70 -6.23 16.12
N TRP B 322 -26.16 -7.25 16.81
CA TRP B 322 -26.94 -8.22 17.58
C TRP B 322 -26.81 -8.05 19.09
N GLU B 323 -26.13 -7.00 19.58
CA GLU B 323 -26.02 -6.78 21.07
C GLU B 323 -27.15 -5.96 21.74
N ASP B 324 -27.29 -6.16 23.06
CA ASP B 324 -28.21 -5.36 23.90
C ASP B 324 -27.53 -4.05 24.31
N ALA C 3 -13.54 3.78 -44.21
CA ALA C 3 -13.20 5.19 -43.82
C ALA C 3 -12.01 5.74 -44.58
N MET C 4 -11.93 7.07 -44.53
CA MET C 4 -10.97 7.87 -45.28
C MET C 4 -10.00 8.47 -44.25
N ILE C 5 -8.84 7.82 -44.15
CA ILE C 5 -7.85 8.06 -43.10
C ILE C 5 -6.69 8.79 -43.75
N VAL C 6 -6.32 9.92 -43.16
CA VAL C 6 -5.24 10.72 -43.70
C VAL C 6 -3.89 10.02 -43.53
N LYS C 7 -2.99 10.35 -44.44
CA LYS C 7 -1.70 9.71 -44.51
C LYS C 7 -0.93 9.80 -43.17
N GLU C 8 -1.05 10.94 -42.49
CA GLU C 8 -0.34 11.22 -41.23
C GLU C 8 -0.55 10.13 -40.16
N VAL C 9 -1.76 9.58 -40.11
CA VAL C 9 -2.10 8.48 -39.27
C VAL C 9 -1.29 7.26 -39.66
N TYR C 10 -1.27 6.89 -40.95
CA TYR C 10 -0.49 5.76 -41.47
C TYR C 10 0.99 5.97 -41.26
N GLU C 11 1.52 7.15 -41.56
CA GLU C 11 2.95 7.44 -41.34
C GLU C 11 3.30 7.28 -39.84
N THR C 12 2.46 7.85 -38.99
CA THR C 12 2.68 7.78 -37.55
C THR C 12 2.69 6.33 -37.08
N ALA C 13 1.67 5.57 -37.44
CA ALA C 13 1.60 4.16 -37.05
C ALA C 13 2.88 3.40 -37.45
N GLU C 14 3.36 3.66 -38.66
CA GLU C 14 4.52 2.96 -39.18
C GLU C 14 5.77 3.40 -38.44
N LYS C 15 5.86 4.66 -38.08
CA LYS C 15 7.00 5.15 -37.33
C LYS C 15 7.01 4.67 -35.86
N ILE C 16 5.83 4.41 -35.30
CA ILE C 16 5.71 3.82 -33.98
C ILE C 16 6.17 2.36 -34.03
N LYS C 17 5.71 1.60 -35.02
CA LYS C 17 6.10 0.19 -35.22
C LYS C 17 7.59 0.01 -35.42
N SER C 18 8.21 0.85 -36.25
CA SER C 18 9.64 0.73 -36.52
C SER C 18 10.54 1.36 -35.40
N MET C 19 9.94 2.04 -34.44
CA MET C 19 10.64 2.70 -33.30
C MET C 19 11.47 3.93 -33.67
N GLU C 20 11.20 4.48 -34.84
CA GLU C 20 11.75 5.76 -35.22
C GLU C 20 11.12 6.86 -34.34
N ILE C 21 9.86 6.68 -33.96
CA ILE C 21 9.29 7.40 -32.80
C ILE C 21 9.21 6.37 -31.69
N ARG C 22 9.77 6.66 -30.52
CA ARG C 22 9.83 5.67 -29.44
C ARG C 22 9.89 6.35 -28.10
N GLY C 23 9.81 5.59 -27.01
CA GLY C 23 9.70 6.17 -25.66
C GLY C 23 8.22 6.24 -25.42
N ALA C 24 7.78 5.71 -24.30
CA ALA C 24 6.39 5.55 -23.99
C ALA C 24 5.49 6.86 -23.99
N GLY C 25 5.98 7.94 -23.41
CA GLY C 25 5.34 9.25 -23.41
C GLY C 25 5.24 9.83 -24.81
N ARG C 26 6.33 9.77 -25.53
CA ARG C 26 6.38 10.33 -26.86
C ARG C 26 5.41 9.65 -27.86
N ILE C 27 5.27 8.33 -27.77
CA ILE C 27 4.39 7.64 -28.68
C ILE C 27 2.93 7.90 -28.32
N ALA C 28 2.65 8.13 -27.04
CA ALA C 28 1.36 8.56 -26.64
C ALA C 28 1.02 9.92 -27.31
N ARG C 29 1.97 10.82 -27.28
CA ARG C 29 1.73 12.17 -27.78
C ARG C 29 1.56 12.10 -29.27
N ALA C 30 2.33 11.25 -29.95
CA ALA C 30 2.24 11.11 -31.38
C ALA C 30 0.92 10.46 -31.83
N ALA C 31 0.34 9.55 -31.05
CA ALA C 31 -1.00 9.07 -31.32
C ALA C 31 -2.08 10.16 -31.13
N ALA C 32 -1.97 10.98 -30.10
CA ALA C 32 -2.91 12.08 -29.93
C ALA C 32 -2.81 13.05 -31.13
N GLN C 33 -1.58 13.41 -31.47
CA GLN C 33 -1.25 14.28 -32.58
C GLN C 33 -1.90 13.78 -33.90
N ALA C 34 -1.75 12.49 -34.16
CA ALA C 34 -2.35 11.80 -35.28
C ALA C 34 -3.87 11.92 -35.29
N LEU C 35 -4.52 11.62 -34.18
CA LEU C 35 -5.94 11.80 -34.09
C LEU C 35 -6.33 13.26 -34.37
N MET C 36 -5.56 14.20 -33.86
CA MET C 36 -5.75 15.63 -34.09
C MET C 36 -5.68 15.97 -35.60
N ILE C 37 -4.69 15.48 -36.29
CA ILE C 37 -4.59 15.74 -37.71
C ILE C 37 -5.68 15.02 -38.52
N GLN C 38 -6.11 13.84 -38.11
CA GLN C 38 -7.22 13.18 -38.77
C GLN C 38 -8.47 14.06 -38.68
N ALA C 39 -8.71 14.68 -37.51
CA ALA C 39 -9.83 15.55 -37.33
C ALA C 39 -9.68 16.83 -38.20
N GLU C 40 -8.51 17.46 -38.16
CA GLU C 40 -8.24 18.72 -38.86
C GLU C 40 -8.51 18.58 -40.32
N LYS C 41 -7.87 17.56 -40.93
CA LYS C 41 -7.92 17.32 -42.37
C LYS C 41 -9.11 16.52 -42.94
N SER C 42 -10.01 16.07 -42.07
CA SER C 42 -11.10 15.21 -42.49
C SER C 42 -12.00 15.92 -43.51
N LYS C 43 -12.51 15.17 -44.48
CA LYS C 43 -13.42 15.70 -45.45
C LYS C 43 -14.78 15.10 -45.26
N ALA C 44 -15.05 14.69 -44.03
CA ALA C 44 -16.36 14.22 -43.62
C ALA C 44 -17.38 15.36 -43.57
N LYS C 45 -18.64 15.00 -43.77
CA LYS C 45 -19.74 15.93 -43.81
C LYS C 45 -20.69 15.72 -42.68
N GLU C 46 -20.95 14.46 -42.33
CA GLU C 46 -21.77 14.13 -41.20
C GLU C 46 -20.87 13.93 -39.98
N PRO C 47 -21.40 14.14 -38.75
CA PRO C 47 -20.69 13.69 -37.53
C PRO C 47 -20.41 12.16 -37.49
N GLU C 48 -21.26 11.38 -38.11
CA GLU C 48 -21.14 9.94 -38.08
C GLU C 48 -19.92 9.49 -38.88
N GLU C 49 -19.60 10.27 -39.90
CA GLU C 49 -18.54 9.96 -40.81
C GLU C 49 -17.24 10.27 -40.15
N LEU C 50 -17.21 11.33 -39.33
CA LEU C 50 -15.96 11.73 -38.67
C LEU C 50 -15.65 10.74 -37.55
N TRP C 51 -16.68 10.47 -36.75
CA TRP C 51 -16.69 9.48 -35.72
C TRP C 51 -16.13 8.16 -36.25
N ASN C 52 -16.59 7.74 -37.43
CA ASN C 52 -16.12 6.49 -37.98
C ASN C 52 -14.62 6.54 -38.34
N GLU C 53 -14.18 7.67 -38.89
CA GLU C 53 -12.75 7.89 -39.16
C GLU C 53 -11.90 7.86 -37.87
N LEU C 54 -12.43 8.39 -36.77
CA LEU C 54 -11.64 8.50 -35.55
C LEU C 54 -11.55 7.14 -34.84
N LYS C 55 -12.64 6.37 -34.87
CA LYS C 55 -12.64 5.02 -34.37
C LYS C 55 -11.60 4.19 -35.09
N VAL C 56 -11.55 4.33 -36.41
CA VAL C 56 -10.68 3.50 -37.27
C VAL C 56 -9.21 3.88 -37.12
N ALA C 57 -8.95 5.18 -37.06
CA ALA C 57 -7.62 5.72 -36.81
C ALA C 57 -7.09 5.30 -35.45
N SER C 58 -7.96 5.34 -34.44
CA SER C 58 -7.62 4.83 -33.13
C SER C 58 -7.21 3.36 -33.15
N LYS C 59 -7.96 2.52 -33.84
CA LYS C 59 -7.62 1.12 -33.99
C LYS C 59 -6.29 0.99 -34.68
N ILE C 60 -6.07 1.74 -35.75
CA ILE C 60 -4.81 1.60 -36.45
C ILE C 60 -3.67 1.88 -35.49
N LEU C 61 -3.84 2.93 -34.69
CA LEU C 61 -2.79 3.37 -33.81
C LEU C 61 -2.55 2.43 -32.63
N TYR C 62 -3.62 1.90 -32.04
CA TYR C 62 -3.52 0.93 -30.94
C TYR C 62 -2.78 -0.31 -31.35
N ASN C 63 -2.86 -0.65 -32.65
CA ASN C 63 -2.30 -1.88 -33.18
C ASN C 63 -0.84 -1.77 -33.61
N THR C 64 -0.10 -0.81 -33.06
CA THR C 64 1.31 -0.60 -33.43
C THR C 64 2.22 -1.42 -32.47
N ARG C 65 2.31 -0.99 -31.21
CA ARG C 65 3.11 -1.63 -30.22
C ARG C 65 2.23 -1.82 -29.01
N PRO C 66 2.25 -3.04 -28.40
CA PRO C 66 1.25 -3.35 -27.38
C PRO C 66 1.63 -3.01 -25.98
N THR C 67 2.92 -2.90 -25.70
CA THR C 67 3.30 -3.05 -24.30
C THR C 67 3.08 -1.78 -23.49
N ALA C 68 3.43 -0.64 -24.06
CA ALA C 68 3.28 0.63 -23.35
C ALA C 68 1.81 1.10 -23.37
N VAL C 69 1.19 1.14 -22.20
CA VAL C 69 -0.21 1.49 -22.04
C VAL C 69 -0.42 2.95 -22.24
N SER C 70 0.65 3.74 -22.18
CA SER C 70 0.58 5.16 -22.49
C SER C 70 -0.15 5.45 -23.78
N LEU C 71 0.12 4.66 -24.82
CA LEU C 71 -0.48 4.85 -26.15
C LEU C 71 -2.04 4.68 -26.11
N PRO C 72 -2.54 3.52 -25.63
CA PRO C 72 -4.00 3.44 -25.44
C PRO C 72 -4.62 4.45 -24.47
N ASN C 73 -3.88 4.85 -23.45
CA ASN C 73 -4.43 5.85 -22.51
C ASN C 73 -4.59 7.22 -23.22
N ALA C 74 -3.71 7.52 -24.17
CA ALA C 74 -3.86 8.72 -24.99
C ALA C 74 -5.12 8.68 -25.92
N LEU C 75 -5.31 7.54 -26.57
CA LEU C 75 -6.39 7.34 -27.51
C LEU C 75 -7.66 7.42 -26.70
N ARG C 76 -7.71 6.78 -25.53
CA ARG C 76 -8.83 6.91 -24.60
C ARG C 76 -9.15 8.32 -24.21
N TYR C 77 -8.13 9.04 -23.76
CA TYR C 77 -8.31 10.39 -23.30
C TYR C 77 -9.14 11.24 -24.34
N VAL C 78 -8.69 11.19 -25.57
CA VAL C 78 -9.39 11.79 -26.68
C VAL C 78 -10.74 11.08 -26.91
N MET C 79 -10.74 9.80 -27.17
CA MET C 79 -11.94 9.20 -27.69
C MET C 79 -13.10 9.12 -26.71
N HIS C 80 -12.84 9.10 -25.39
CA HIS C 80 -13.91 9.13 -24.38
C HIS C 80 -14.72 10.42 -24.57
N ARG C 81 -13.97 11.50 -24.83
CA ARG C 81 -14.45 12.86 -24.95
C ARG C 81 -15.20 13.06 -26.24
N VAL C 82 -14.63 12.49 -27.32
CA VAL C 82 -15.21 12.45 -28.64
C VAL C 82 -16.45 11.58 -28.63
N LYS C 83 -16.38 10.42 -28.00
CA LYS C 83 -17.56 9.54 -27.91
C LYS C 83 -18.74 10.20 -27.15
N ALA C 84 -18.47 10.92 -26.07
CA ALA C 84 -19.56 11.49 -25.25
C ALA C 84 -20.24 12.61 -26.01
N ALA C 85 -19.43 13.39 -26.74
CA ALA C 85 -19.91 14.47 -27.57
C ALA C 85 -20.78 13.92 -28.71
N TYR C 86 -20.25 12.94 -29.46
CA TYR C 86 -21.00 12.36 -30.58
C TYR C 86 -22.31 11.74 -30.09
N LEU C 87 -22.29 11.01 -28.99
CA LEU C 87 -23.52 10.49 -28.39
C LEU C 87 -24.48 11.56 -27.77
N GLY C 88 -23.95 12.70 -27.36
CA GLY C 88 -24.79 13.81 -26.97
C GLY C 88 -25.46 14.49 -28.15
N GLY C 89 -25.27 13.98 -29.38
CA GLY C 89 -25.81 14.59 -30.60
C GLY C 89 -25.02 15.78 -31.15
N ALA C 90 -23.74 15.84 -30.83
CA ALA C 90 -22.89 16.91 -31.33
C ALA C 90 -22.88 16.92 -32.84
N ASP C 91 -22.79 18.12 -33.41
CA ASP C 91 -22.75 18.28 -34.86
C ASP C 91 -21.32 18.10 -35.34
N LEU C 92 -21.09 18.23 -36.64
CA LEU C 92 -19.77 18.11 -37.22
C LEU C 92 -18.70 18.94 -36.52
N GLU C 93 -18.71 20.26 -36.63
CA GLU C 93 -17.54 21.08 -36.14
C GLU C 93 -17.33 20.99 -34.61
N THR C 94 -18.41 20.75 -33.87
CA THR C 94 -18.37 20.47 -32.45
C THR C 94 -17.62 19.11 -32.16
N LEU C 95 -17.83 18.10 -32.99
CA LEU C 95 -17.13 16.83 -32.81
C LEU C 95 -15.66 17.00 -33.19
N ARG C 96 -15.40 17.66 -34.32
CA ARG C 96 -14.03 17.89 -34.82
C ARG C 96 -13.20 18.56 -33.77
N PHE C 97 -13.75 19.63 -33.23
CA PHE C 97 -13.04 20.41 -32.30
C PHE C 97 -12.89 19.66 -30.96
N THR C 98 -13.84 18.82 -30.56
CA THR C 98 -13.61 18.02 -29.37
C THR C 98 -12.37 17.13 -29.50
N ALA C 99 -12.23 16.49 -30.65
CA ALA C 99 -11.09 15.64 -30.97
C ALA C 99 -9.81 16.43 -30.99
N ILE C 100 -9.78 17.53 -31.74
CA ILE C 100 -8.59 18.40 -31.80
C ILE C 100 -8.10 18.93 -30.42
N ASN C 101 -9.05 19.29 -29.60
CA ASN C 101 -8.78 19.95 -28.35
C ASN C 101 -8.51 18.96 -27.21
N SER C 102 -9.14 17.79 -27.25
CA SER C 102 -8.82 16.72 -26.37
C SER C 102 -7.39 16.29 -26.65
N ALA C 103 -6.99 16.20 -27.92
CA ALA C 103 -5.62 15.83 -28.26
C ALA C 103 -4.61 16.82 -27.70
N LYS C 104 -4.68 18.08 -28.11
CA LYS C 104 -3.79 19.14 -27.60
C LYS C 104 -3.69 19.20 -26.07
N GLU C 105 -4.81 19.00 -25.37
CA GLU C 105 -4.88 18.86 -23.92
C GLU C 105 -3.98 17.70 -23.36
N PHE C 106 -4.08 16.51 -23.97
CA PHE C 106 -3.29 15.36 -23.49
C PHE C 106 -1.83 15.71 -23.74
N ILE C 107 -1.56 16.30 -24.90
CA ILE C 107 -0.20 16.62 -25.34
C ILE C 107 0.42 17.62 -24.38
N TYR C 108 -0.32 18.68 -24.08
CA TYR C 108 0.13 19.66 -23.09
C TYR C 108 0.33 19.08 -21.69
N ASN C 109 -0.61 18.28 -21.22
CA ASN C 109 -0.58 17.69 -19.89
C ASN C 109 0.61 16.73 -19.72
N SER C 110 0.91 16.00 -20.79
CA SER C 110 2.05 15.14 -20.89
C SER C 110 3.35 15.93 -20.71
N GLU C 111 3.58 16.99 -21.51
CA GLU C 111 4.77 17.83 -21.31
C GLU C 111 4.89 18.39 -19.88
N LYS C 112 3.80 18.87 -19.32
CA LYS C 112 3.80 19.38 -17.93
C LYS C 112 4.08 18.29 -16.88
N ALA C 113 3.53 17.10 -17.12
CA ALA C 113 3.64 16.03 -16.17
C ALA C 113 5.14 15.66 -16.07
N ILE C 114 5.82 15.67 -17.20
CA ILE C 114 7.20 15.28 -17.30
C ILE C 114 8.09 16.32 -16.65
N GLU C 115 7.74 17.61 -16.78
CA GLU C 115 8.51 18.67 -16.14
C GLU C 115 8.25 18.65 -14.64
N ARG C 116 7.04 18.33 -14.20
CA ARG C 116 6.78 18.23 -12.74
C ARG C 116 7.42 16.96 -12.00
N ILE C 117 7.47 15.84 -12.71
CA ILE C 117 8.25 14.68 -12.32
C ILE C 117 9.74 15.04 -12.17
N GLY C 118 10.27 15.82 -13.11
CA GLY C 118 11.53 16.46 -12.94
C GLY C 118 11.76 17.14 -11.61
N GLU C 119 10.85 18.05 -11.26
CA GLU C 119 10.98 18.86 -10.05
C GLU C 119 10.80 18.07 -8.78
N ILE C 120 9.86 17.15 -8.76
CA ILE C 120 9.65 16.25 -7.58
C ILE C 120 10.84 15.25 -7.37
N GLY C 121 11.21 14.54 -8.42
CA GLY C 121 12.34 13.61 -8.40
C GLY C 121 13.68 14.24 -8.04
N ALA C 122 14.01 15.37 -8.64
CA ALA C 122 15.22 16.08 -8.29
C ALA C 122 15.43 16.31 -6.80
N LYS C 123 14.37 16.43 -5.99
CA LYS C 123 14.56 16.63 -4.53
C LYS C 123 15.09 15.42 -3.78
N ARG C 124 14.91 14.23 -4.36
CA ARG C 124 15.55 13.04 -3.86
C ARG C 124 16.97 12.87 -4.34
N ILE C 125 17.44 13.66 -5.28
CA ILE C 125 18.87 13.57 -5.69
C ILE C 125 19.64 14.54 -4.81
N GLU C 126 20.82 14.10 -4.39
CA GLU C 126 21.63 14.81 -3.38
C GLU C 126 22.96 15.14 -3.99
N ASP C 127 23.55 16.26 -3.59
CA ASP C 127 24.84 16.69 -4.17
C ASP C 127 25.85 15.52 -4.07
N GLY C 128 26.61 15.33 -5.15
CA GLY C 128 27.61 14.26 -5.16
C GLY C 128 27.08 12.89 -5.60
N ASP C 129 25.77 12.76 -5.80
CA ASP C 129 25.18 11.45 -6.10
C ASP C 129 25.71 10.90 -7.43
N ILE C 130 25.95 9.62 -7.44
CA ILE C 130 26.06 8.88 -8.68
C ILE C 130 24.76 8.14 -8.97
N ILE C 131 24.27 8.29 -10.20
CA ILE C 131 22.95 7.79 -10.53
C ILE C 131 23.14 6.84 -11.63
N MET C 132 22.56 5.65 -11.52
CA MET C 132 22.55 4.76 -12.66
C MET C 132 21.17 4.85 -13.33
N THR C 133 21.12 4.81 -14.66
CA THR C 133 19.85 4.75 -15.40
C THR C 133 19.95 3.61 -16.42
N HIS C 134 18.82 3.41 -17.10
CA HIS C 134 18.71 2.38 -18.10
C HIS C 134 17.86 2.92 -19.23
N CYS C 135 18.12 2.46 -20.43
CA CYS C 135 17.48 2.93 -21.61
C CYS C 135 17.50 4.49 -21.73
N HIS C 136 16.50 5.03 -22.43
CA HIS C 136 16.33 6.46 -22.58
C HIS C 136 14.90 6.80 -22.26
N SER C 137 14.70 7.36 -21.05
CA SER C 137 13.41 7.75 -20.57
C SER C 137 13.47 9.22 -20.27
N LYS C 138 12.52 9.96 -20.87
CA LYS C 138 12.39 11.39 -20.68
C LYS C 138 11.98 11.72 -19.29
N ALA C 139 11.15 10.90 -18.67
CA ALA C 139 10.76 11.18 -17.31
C ALA C 139 12.00 11.03 -16.41
N ALA C 140 12.76 9.94 -16.54
CA ALA C 140 14.01 9.78 -15.75
C ALA C 140 15.01 10.93 -16.03
N ILE C 141 15.21 11.26 -17.28
CA ILE C 141 16.11 12.36 -17.70
C ILE C 141 15.69 13.72 -17.12
N SER C 142 14.38 13.96 -17.01
CA SER C 142 13.88 15.23 -16.46
C SER C 142 14.34 15.38 -15.03
N VAL C 143 14.36 14.28 -14.29
CA VAL C 143 14.82 14.26 -12.88
C VAL C 143 16.29 14.64 -12.78
N MET C 144 17.07 13.96 -13.56
CA MET C 144 18.53 14.13 -13.60
C MET C 144 18.91 15.51 -14.08
N LYS C 145 18.26 16.02 -15.13
CA LYS C 145 18.54 17.36 -15.66
C LYS C 145 18.21 18.48 -14.64
N LYS C 146 17.06 18.34 -14.00
CA LYS C 146 16.67 19.29 -12.98
C LYS C 146 17.62 19.25 -11.79
N ALA C 147 18.01 18.07 -11.31
CA ALA C 147 18.91 18.05 -10.14
C ALA C 147 20.25 18.74 -10.50
N PHE C 148 20.73 18.52 -11.72
CA PHE C 148 21.96 19.19 -12.18
C PHE C 148 21.78 20.70 -12.30
N GLU C 149 20.59 21.13 -12.72
CA GLU C 149 20.29 22.54 -12.83
C GLU C 149 20.16 23.20 -11.49
N GLN C 150 19.80 22.45 -10.45
CA GLN C 150 19.89 22.98 -9.09
C GLN C 150 21.32 23.11 -8.51
N GLY C 151 22.34 22.77 -9.31
CA GLY C 151 23.73 22.91 -8.87
C GLY C 151 24.29 21.70 -8.15
N LYS C 152 23.57 20.60 -8.10
CA LYS C 152 24.12 19.38 -7.50
C LYS C 152 25.12 18.78 -8.49
N ASN C 153 26.28 18.36 -7.99
CA ASN C 153 27.31 17.73 -8.82
C ASN C 153 27.00 16.23 -8.82
N ILE C 154 26.47 15.77 -9.93
CA ILE C 154 26.08 14.39 -10.09
C ILE C 154 26.89 13.85 -11.22
N LYS C 155 26.91 12.55 -11.31
CA LYS C 155 27.53 11.83 -12.41
C LYS C 155 26.47 10.78 -12.78
N VAL C 156 26.21 10.53 -14.07
CA VAL C 156 25.27 9.51 -14.42
C VAL C 156 25.94 8.32 -15.09
N ILE C 157 25.64 7.14 -14.55
CA ILE C 157 25.99 5.86 -15.21
C ILE C 157 24.82 5.45 -16.14
N VAL C 158 25.15 5.36 -17.39
CA VAL C 158 24.24 5.05 -18.48
C VAL C 158 24.65 3.69 -19.02
N THR C 159 23.71 2.75 -18.93
CA THR C 159 23.88 1.45 -19.50
C THR C 159 23.52 1.52 -20.97
N GLU C 160 24.23 0.79 -21.81
CA GLU C 160 24.05 0.94 -23.23
C GLU C 160 22.67 0.50 -23.77
N THR C 161 22.02 -0.40 -23.05
CA THR C 161 20.69 -0.86 -23.39
C THR C 161 20.63 -1.54 -24.76
N ARG C 162 21.18 -2.74 -24.81
CA ARG C 162 20.95 -3.57 -25.97
C ARG C 162 19.49 -4.01 -26.06
N PRO C 163 19.01 -4.42 -27.23
CA PRO C 163 19.72 -4.44 -28.54
C PRO C 163 19.72 -3.12 -29.31
N LYS C 164 18.77 -2.23 -29.01
CA LYS C 164 18.59 -1.01 -29.78
C LYS C 164 19.47 0.16 -29.41
N TRP C 165 20.34 -0.02 -28.42
CA TRP C 165 21.31 1.04 -28.05
C TRP C 165 20.74 2.38 -27.60
N GLN C 166 19.59 2.39 -26.93
CA GLN C 166 19.01 3.66 -26.45
C GLN C 166 19.94 4.39 -25.50
N GLY C 167 20.80 3.66 -24.79
CA GLY C 167 21.76 4.27 -23.90
C GLY C 167 22.65 5.29 -24.59
N LYS C 168 22.89 5.09 -25.87
CA LYS C 168 23.59 6.12 -26.66
C LYS C 168 22.83 7.45 -26.73
N ILE C 169 21.51 7.39 -26.84
CA ILE C 169 20.70 8.61 -26.90
C ILE C 169 20.89 9.34 -25.60
N THR C 170 20.84 8.57 -24.52
CA THR C 170 20.87 9.12 -23.19
C THR C 170 22.20 9.75 -22.85
N ALA C 171 23.27 9.08 -23.22
CA ALA C 171 24.60 9.53 -22.91
C ALA C 171 24.90 10.89 -23.56
N LYS C 172 24.63 10.96 -24.86
CA LYS C 172 24.75 12.21 -25.65
C LYS C 172 23.85 13.31 -25.12
N GLU C 173 22.60 12.96 -24.84
CA GLU C 173 21.69 13.93 -24.30
C GLU C 173 22.18 14.47 -22.96
N LEU C 174 22.46 13.63 -21.96
CA LEU C 174 22.90 14.17 -20.64
C LEU C 174 24.25 14.95 -20.70
N ALA C 175 25.18 14.44 -21.49
CA ALA C 175 26.41 15.14 -21.74
C ALA C 175 26.16 16.51 -22.42
N SER C 176 25.17 16.61 -23.29
CA SER C 176 24.77 17.91 -23.88
C SER C 176 24.29 18.93 -22.85
N TYR C 177 23.75 18.51 -21.70
CA TYR C 177 23.36 19.49 -20.64
C TYR C 177 24.49 19.78 -19.71
N GLY C 178 25.69 19.26 -20.03
CA GLY C 178 26.84 19.40 -19.13
C GLY C 178 26.96 18.41 -17.96
N ILE C 179 26.21 17.29 -18.00
CA ILE C 179 26.29 16.29 -16.89
C ILE C 179 27.34 15.24 -17.23
N PRO C 180 28.34 15.03 -16.38
CA PRO C 180 29.31 13.97 -16.65
C PRO C 180 28.64 12.60 -16.72
N VAL C 181 28.97 11.85 -17.76
CA VAL C 181 28.42 10.51 -18.02
C VAL C 181 29.52 9.44 -17.97
N ILE C 182 29.17 8.31 -17.35
CA ILE C 182 29.92 7.08 -17.40
C ILE C 182 29.08 6.10 -18.17
N TYR C 183 29.58 5.66 -19.33
CA TYR C 183 28.92 4.66 -20.16
C TYR C 183 29.51 3.26 -20.04
N ILE C 184 28.62 2.29 -19.82
CA ILE C 184 28.97 0.93 -19.58
C ILE C 184 28.07 -0.02 -20.35
N VAL C 185 28.55 -1.25 -20.60
CA VAL C 185 27.62 -2.30 -21.06
C VAL C 185 26.60 -2.70 -19.98
N ASP C 186 25.46 -3.24 -20.38
CA ASP C 186 24.43 -3.68 -19.38
C ASP C 186 24.95 -4.70 -18.30
N SER C 187 25.73 -5.68 -18.77
CA SER C 187 26.37 -6.71 -17.93
C SER C 187 27.14 -6.15 -16.76
N ALA C 188 27.57 -4.87 -16.88
CA ALA C 188 28.37 -4.24 -15.88
C ALA C 188 27.61 -3.61 -14.72
N ALA C 189 26.30 -3.75 -14.73
CA ALA C 189 25.47 -3.01 -13.75
C ALA C 189 25.70 -3.46 -12.33
N ARG C 190 25.92 -4.75 -12.10
CA ARG C 190 26.27 -5.18 -10.75
C ARG C 190 27.63 -4.68 -10.26
N HIS C 191 28.65 -4.83 -11.08
CA HIS C 191 30.01 -4.39 -10.78
C HIS C 191 30.00 -2.91 -10.32
N TYR C 192 29.15 -2.08 -10.93
CA TYR C 192 29.12 -0.66 -10.59
C TYR C 192 28.03 -0.28 -9.59
N MET C 193 27.26 -1.22 -9.09
CA MET C 193 26.17 -0.90 -8.20
C MET C 193 26.71 -0.41 -6.86
N LYS C 194 27.87 -0.93 -6.50
CA LYS C 194 28.56 -0.61 -5.26
C LYS C 194 28.93 0.88 -5.14
N MET C 195 29.21 1.52 -6.24
CA MET C 195 29.57 2.94 -6.28
C MET C 195 28.38 3.86 -6.63
N THR C 196 27.24 3.26 -6.98
CA THR C 196 26.00 3.96 -7.32
C THR C 196 25.21 4.32 -6.09
N ASP C 197 24.66 5.51 -6.05
CA ASP C 197 23.85 6.00 -4.91
C ASP C 197 22.33 5.92 -5.12
N LYS C 198 21.90 6.11 -6.39
CA LYS C 198 20.50 6.15 -6.74
C LYS C 198 20.34 5.54 -8.09
N VAL C 199 19.27 4.81 -8.31
CA VAL C 199 18.90 4.35 -9.62
C VAL C 199 17.60 5.04 -10.04
N VAL C 200 17.56 5.57 -11.28
CA VAL C 200 16.43 6.28 -11.82
C VAL C 200 16.13 5.81 -13.25
N MET C 201 14.93 5.22 -13.41
CA MET C 201 14.50 4.62 -14.67
C MET C 201 13.06 5.01 -14.95
N GLY C 202 12.63 4.82 -16.20
CA GLY C 202 11.28 5.13 -16.65
C GLY C 202 10.40 3.91 -16.59
N ALA C 203 9.29 3.97 -17.32
CA ALA C 203 8.27 2.95 -17.33
C ALA C 203 7.40 3.03 -18.55
N ASN C 204 7.05 1.86 -19.07
CA ASN C 204 6.08 1.74 -20.16
C ASN C 204 4.65 1.47 -19.64
N SER C 205 4.55 0.61 -18.65
CA SER C 205 3.28 0.34 -18.01
C SER C 205 3.50 0.00 -16.56
N ILE C 206 2.51 0.29 -15.73
CA ILE C 206 2.58 0.02 -14.31
C ILE C 206 1.28 -0.62 -13.88
N THR C 207 1.40 -1.75 -13.21
CA THR C 207 0.28 -2.59 -12.93
C THR C 207 -0.38 -2.19 -11.61
N ALA C 208 -1.56 -2.74 -11.39
CA ALA C 208 -2.37 -2.50 -10.22
C ALA C 208 -1.67 -2.95 -8.92
N ASN C 209 -0.78 -3.91 -9.03
CA ASN C 209 -0.06 -4.35 -7.84
C ASN C 209 1.34 -3.70 -7.66
N GLY C 210 1.75 -2.82 -8.55
CA GLY C 210 3.01 -2.06 -8.39
C GLY C 210 4.19 -2.48 -9.26
N ALA C 211 4.00 -3.52 -10.05
CA ALA C 211 4.96 -3.94 -11.02
C ALA C 211 5.20 -2.94 -12.14
N VAL C 212 6.44 -2.84 -12.56
CA VAL C 212 6.81 -1.91 -13.59
C VAL C 212 7.32 -2.66 -14.80
N ILE C 213 6.69 -2.45 -15.92
CA ILE C 213 7.12 -3.08 -17.16
C ILE C 213 7.94 -1.99 -17.87
N ASN C 214 9.23 -2.28 -18.16
CA ASN C 214 10.12 -1.26 -18.75
C ASN C 214 11.18 -1.99 -19.55
N LYS C 215 12.05 -1.28 -20.23
CA LYS C 215 13.03 -1.85 -21.15
C LYS C 215 13.67 -3.08 -20.56
N ILE C 216 13.76 -4.12 -21.40
CA ILE C 216 14.45 -5.35 -21.06
C ILE C 216 15.77 -5.01 -20.34
N GLY C 217 15.94 -5.61 -19.16
CA GLY C 217 17.09 -5.34 -18.31
C GLY C 217 16.81 -4.54 -17.07
N THR C 218 15.69 -3.82 -17.06
CA THR C 218 15.33 -2.99 -15.92
C THR C 218 15.27 -3.81 -14.69
N SER C 219 14.66 -4.96 -14.80
CA SER C 219 14.49 -5.80 -13.61
C SER C 219 15.81 -6.35 -13.01
N LEU C 220 16.85 -6.51 -13.80
CA LEU C 220 18.12 -6.97 -13.29
C LEU C 220 18.77 -5.85 -12.57
N ILE C 221 18.69 -4.65 -13.16
CA ILE C 221 19.25 -3.51 -12.47
C ILE C 221 18.59 -3.29 -11.12
N ALA C 222 17.26 -3.40 -11.08
CA ALA C 222 16.53 -3.19 -9.85
C ALA C 222 16.84 -4.23 -8.74
N LEU C 223 17.00 -5.47 -9.19
CA LEU C 223 17.33 -6.61 -8.33
C LEU C 223 18.70 -6.38 -7.60
N THR C 224 19.74 -6.04 -8.34
CA THR C 224 21.07 -5.81 -7.70
C THR C 224 21.12 -4.48 -6.96
N ALA C 225 20.34 -3.49 -7.41
CA ALA C 225 20.11 -2.30 -6.63
C ALA C 225 19.53 -2.60 -5.26
N LYS C 226 18.49 -3.38 -5.23
CA LYS C 226 17.97 -3.87 -3.96
C LYS C 226 18.98 -4.65 -3.13
N GLU C 227 19.71 -5.55 -3.82
CA GLU C 227 20.80 -6.30 -3.16
C GLU C 227 21.77 -5.38 -2.40
N HIS C 228 22.05 -4.25 -2.99
CA HIS C 228 22.98 -3.30 -2.48
C HIS C 228 22.37 -2.18 -1.66
N ARG C 229 21.05 -2.24 -1.42
CA ARG C 229 20.35 -1.16 -0.77
C ARG C 229 20.50 0.25 -1.44
N VAL C 230 20.53 0.28 -2.75
CA VAL C 230 20.49 1.48 -3.57
C VAL C 230 19.02 1.75 -3.94
N TRP C 231 18.56 2.96 -3.70
CA TRP C 231 17.20 3.42 -4.06
C TRP C 231 16.95 3.23 -5.51
N VAL C 232 15.84 2.56 -5.77
CA VAL C 232 15.32 2.46 -7.13
C VAL C 232 14.09 3.35 -7.20
N MET C 233 14.19 4.33 -8.06
CA MET C 233 13.14 5.29 -8.31
C MET C 233 12.68 5.18 -9.73
N ILE C 234 11.36 5.06 -9.89
CA ILE C 234 10.75 5.04 -11.23
C ILE C 234 10.04 6.40 -11.50
N ALA C 235 10.37 7.02 -12.63
CA ALA C 235 9.80 8.28 -13.01
C ALA C 235 8.77 8.01 -14.07
N ALA C 236 7.49 8.19 -13.69
CA ALA C 236 6.38 7.74 -14.54
C ALA C 236 5.12 8.61 -14.39
N GLU C 237 4.70 9.17 -15.52
CA GLU C 237 3.42 9.88 -15.66
C GLU C 237 2.25 8.97 -15.34
N THR C 238 1.20 9.54 -14.75
CA THR C 238 0.00 8.79 -14.40
C THR C 238 -0.58 7.96 -15.55
N TYR C 239 -0.37 8.36 -16.79
CA TYR C 239 -0.87 7.61 -17.93
C TYR C 239 0.05 6.43 -18.32
N LYS C 240 1.03 6.10 -17.47
CA LYS C 240 1.77 4.83 -17.62
C LYS C 240 1.13 3.71 -16.80
N PHE C 241 0.17 4.05 -15.96
CA PHE C 241 -0.53 3.10 -15.12
C PHE C 241 -1.60 2.38 -15.97
N HIS C 242 -1.82 1.09 -15.73
CA HIS C 242 -2.47 0.20 -16.71
C HIS C 242 -3.83 -0.23 -16.14
N PRO C 243 -4.95 0.43 -16.63
CA PRO C 243 -6.23 0.18 -15.95
C PRO C 243 -6.69 -1.26 -16.11
N ALA C 244 -6.45 -1.90 -17.25
CA ALA C 244 -6.98 -3.25 -17.44
C ALA C 244 -6.40 -4.28 -16.40
N THR C 245 -5.19 -4.02 -15.86
CA THR C 245 -4.62 -4.88 -14.82
C THR C 245 -5.43 -4.90 -13.53
N MET C 246 -6.23 -3.89 -13.30
CA MET C 246 -7.19 -3.87 -12.17
C MET C 246 -8.17 -5.02 -12.20
N LEU C 247 -8.50 -5.53 -13.39
CA LEU C 247 -9.45 -6.64 -13.54
C LEU C 247 -8.78 -7.93 -14.03
N GLY C 248 -7.48 -8.04 -13.74
CA GLY C 248 -6.73 -9.27 -13.94
C GLY C 248 -5.91 -9.36 -15.21
N GLN C 249 -6.05 -8.41 -16.13
CA GLN C 249 -5.35 -8.46 -17.41
C GLN C 249 -3.83 -8.58 -17.17
N LEU C 250 -3.15 -9.37 -18.00
CA LEU C 250 -1.68 -9.40 -18.02
C LEU C 250 -1.16 -8.48 -19.08
N VAL C 251 0.01 -7.87 -18.87
CA VAL C 251 0.57 -7.03 -19.88
C VAL C 251 1.32 -7.90 -20.84
N GLU C 252 1.01 -7.76 -22.12
CA GLU C 252 1.78 -8.41 -23.15
C GLU C 252 3.21 -7.81 -23.27
N ILE C 253 4.20 -8.69 -23.39
CA ILE C 253 5.59 -8.32 -23.62
C ILE C 253 5.86 -8.30 -25.10
N GLU C 254 6.10 -7.14 -25.69
CA GLU C 254 6.38 -7.12 -27.11
C GLU C 254 7.68 -7.93 -27.41
N MET C 255 7.61 -8.86 -28.37
CA MET C 255 8.76 -9.54 -28.99
C MET C 255 9.06 -8.89 -30.33
N ARG C 256 10.26 -8.38 -30.51
CA ARG C 256 10.61 -7.64 -31.73
C ARG C 256 11.55 -8.44 -32.59
N ASP C 257 11.76 -7.92 -33.80
CA ASP C 257 12.50 -8.64 -34.83
C ASP C 257 13.87 -9.12 -34.35
N PRO C 258 14.22 -10.42 -34.57
CA PRO C 258 15.57 -10.91 -34.27
C PRO C 258 16.72 -10.13 -34.91
N THR C 259 16.46 -9.43 -36.00
CA THR C 259 17.49 -8.67 -36.68
C THR C 259 17.93 -7.43 -35.94
N GLU C 260 17.15 -7.00 -34.94
CA GLU C 260 17.64 -5.93 -34.08
C GLU C 260 18.82 -6.42 -33.26
N VAL C 261 18.83 -7.73 -32.97
CA VAL C 261 19.90 -8.37 -32.23
C VAL C 261 21.05 -8.77 -33.19
N ILE C 262 20.76 -9.60 -34.18
CA ILE C 262 21.79 -9.99 -35.16
C ILE C 262 21.36 -9.42 -36.49
N PRO C 263 22.12 -8.46 -37.10
CA PRO C 263 21.69 -7.89 -38.39
C PRO C 263 21.44 -8.99 -39.45
N GLU C 264 20.53 -8.75 -40.38
CA GLU C 264 20.13 -9.78 -41.38
C GLU C 264 21.32 -10.39 -42.16
N GLU C 265 22.24 -9.53 -42.58
CA GLU C 265 23.44 -9.95 -43.31
C GLU C 265 24.23 -11.06 -42.57
N GLU C 266 24.30 -10.98 -41.24
CA GLU C 266 24.89 -12.01 -40.38
C GLU C 266 23.91 -13.13 -40.06
N LEU C 267 22.69 -12.81 -39.68
CA LEU C 267 21.77 -13.85 -39.20
C LEU C 267 21.45 -14.89 -40.25
N ARG C 268 21.42 -14.49 -41.52
CA ARG C 268 21.06 -15.45 -42.58
C ARG C 268 22.07 -16.58 -42.72
N THR C 269 23.34 -16.29 -42.40
CA THR C 269 24.40 -17.29 -42.39
C THR C 269 24.36 -18.22 -41.17
N TRP C 270 23.54 -17.94 -40.16
CA TRP C 270 23.47 -18.83 -39.00
C TRP C 270 22.60 -20.02 -39.30
N PRO C 271 22.84 -21.13 -38.58
CA PRO C 271 22.01 -22.31 -38.75
C PRO C 271 20.63 -22.15 -38.16
N LYS C 272 19.72 -23.00 -38.62
CA LYS C 272 18.34 -22.99 -38.21
C LYS C 272 18.20 -23.25 -36.74
N ASN C 273 19.05 -24.11 -36.19
CA ASN C 273 18.83 -24.50 -34.79
C ASN C 273 19.24 -23.45 -33.72
N ILE C 274 19.52 -22.20 -34.11
CA ILE C 274 19.68 -21.09 -33.18
C ILE C 274 18.46 -20.20 -33.32
N GLU C 275 17.63 -20.10 -32.30
CA GLU C 275 16.51 -19.14 -32.27
C GLU C 275 17.01 -17.88 -31.55
N VAL C 276 16.70 -16.68 -32.04
CA VAL C 276 17.04 -15.40 -31.39
C VAL C 276 15.73 -14.85 -30.86
N TRP C 277 15.66 -14.65 -29.53
CA TRP C 277 14.48 -14.14 -28.83
C TRP C 277 14.81 -12.75 -28.39
N ASN C 278 13.94 -11.80 -28.74
CA ASN C 278 14.20 -10.38 -28.50
C ASN C 278 13.05 -9.70 -27.75
N PRO C 279 12.92 -9.97 -26.43
CA PRO C 279 11.86 -9.30 -25.66
C PRO C 279 12.22 -7.86 -25.44
N ALA C 280 11.29 -6.95 -25.72
CA ALA C 280 11.60 -5.53 -25.59
C ALA C 280 11.45 -5.02 -24.15
N PHE C 281 10.79 -5.79 -23.27
CA PHE C 281 10.56 -5.34 -21.88
C PHE C 281 10.71 -6.52 -20.94
N ASP C 282 10.87 -6.24 -19.66
CA ASP C 282 10.71 -7.22 -18.61
C ASP C 282 9.93 -6.59 -17.49
N VAL C 283 9.64 -7.38 -16.47
CA VAL C 283 8.77 -6.98 -15.41
C VAL C 283 9.53 -6.93 -14.12
N THR C 284 9.49 -5.78 -13.45
CA THR C 284 10.14 -5.58 -12.16
C THR C 284 9.11 -5.60 -11.06
N PRO C 285 9.34 -6.48 -10.06
CA PRO C 285 8.35 -6.53 -9.03
C PRO C 285 8.45 -5.35 -8.08
N PRO C 286 7.31 -4.99 -7.46
CA PRO C 286 7.23 -3.83 -6.61
C PRO C 286 8.18 -3.91 -5.43
N GLU C 287 8.43 -5.10 -4.90
CA GLU C 287 9.36 -5.19 -3.75
C GLU C 287 10.77 -4.64 -4.07
N TYR C 288 11.14 -4.49 -5.32
CA TYR C 288 12.40 -3.91 -5.71
C TYR C 288 12.35 -2.46 -6.14
N ILE C 289 11.25 -1.77 -5.85
CA ILE C 289 11.07 -0.36 -6.23
C ILE C 289 10.81 0.40 -4.94
N ASP C 290 11.58 1.44 -4.70
CA ASP C 290 11.57 2.33 -3.52
CA ASP C 290 11.48 2.15 -3.47
C ASP C 290 10.35 3.23 -3.67
N VAL C 291 10.32 3.97 -4.79
CA VAL C 291 9.23 4.93 -5.06
C VAL C 291 8.83 5.05 -6.56
N ILE C 292 7.61 5.48 -6.81
CA ILE C 292 7.26 5.91 -8.18
C ILE C 292 7.09 7.42 -8.05
N ILE C 293 7.70 8.12 -8.97
CA ILE C 293 7.57 9.54 -9.06
C ILE C 293 6.59 9.87 -10.20
N THR C 294 5.38 10.29 -9.82
CA THR C 294 4.39 10.76 -10.79
C THR C 294 4.33 12.28 -10.73
N GLU C 295 3.64 12.88 -11.71
CA GLU C 295 3.28 14.31 -11.63
C GLU C 295 2.38 14.65 -10.43
N ARG C 296 1.82 13.65 -9.73
CA ARG C 296 1.04 13.96 -8.50
C ARG C 296 1.78 13.70 -7.21
N GLY C 297 3.04 13.29 -7.31
CA GLY C 297 3.85 13.01 -6.13
C GLY C 297 4.49 11.64 -6.11
N ILE C 298 5.19 11.45 -5.01
CA ILE C 298 5.93 10.28 -4.62
C ILE C 298 4.97 9.28 -4.06
N ILE C 299 5.00 8.05 -4.56
CA ILE C 299 4.22 6.94 -3.93
C ILE C 299 5.10 5.70 -3.76
N PRO C 300 4.80 4.89 -2.76
CA PRO C 300 5.27 3.54 -2.79
C PRO C 300 4.72 2.83 -4.00
N PRO C 301 5.42 1.80 -4.53
CA PRO C 301 4.88 1.13 -5.72
C PRO C 301 3.47 0.49 -5.47
N TYR C 302 3.18 0.08 -4.25
CA TYR C 302 1.87 -0.49 -3.88
C TYR C 302 0.63 0.47 -3.91
N ALA C 303 0.86 1.76 -4.17
CA ALA C 303 -0.18 2.75 -4.27
C ALA C 303 -0.50 2.95 -5.74
N ALA C 304 0.05 2.15 -6.65
CA ALA C 304 -0.33 2.27 -8.04
C ALA C 304 -1.84 2.02 -8.20
N ILE C 305 -2.35 1.13 -7.40
CA ILE C 305 -3.78 0.81 -7.41
C ILE C 305 -4.66 2.06 -7.14
N ASP C 306 -4.14 3.02 -6.35
CA ASP C 306 -4.82 4.30 -6.01
C ASP C 306 -4.77 5.28 -7.20
N ILE C 307 -3.63 5.43 -7.85
CA ILE C 307 -3.59 6.18 -9.13
C ILE C 307 -4.73 5.68 -10.04
N LEU C 308 -4.85 4.37 -10.12
CA LEU C 308 -5.76 3.69 -11.01
C LEU C 308 -7.20 3.85 -10.60
N LYS C 309 -7.49 3.55 -9.34
CA LYS C 309 -8.85 3.66 -8.80
C LYS C 309 -9.34 5.10 -9.02
N GLU C 310 -8.48 6.06 -8.69
CA GLU C 310 -8.88 7.44 -8.71
C GLU C 310 -8.89 8.07 -10.10
N GLU C 311 -8.12 7.58 -11.08
CA GLU C 311 -8.14 8.23 -12.38
C GLU C 311 -8.73 7.47 -13.56
N PHE C 312 -8.79 6.14 -13.47
CA PHE C 312 -9.13 5.26 -14.63
C PHE C 312 -10.19 4.18 -14.44
N GLY C 313 -10.50 3.85 -13.19
CA GLY C 313 -11.30 2.65 -12.81
C GLY C 313 -12.75 2.77 -13.26
N TRP C 314 -13.26 4.02 -13.22
CA TRP C 314 -14.55 4.39 -13.83
C TRP C 314 -14.77 3.80 -15.25
N ALA C 315 -13.73 3.88 -16.09
CA ALA C 315 -13.83 3.56 -17.53
C ALA C 315 -13.94 2.05 -17.85
N LEU C 316 -13.59 1.19 -16.88
CA LEU C 316 -13.55 -0.27 -17.07
C LEU C 316 -14.90 -0.96 -17.23
N LYS C 317 -15.94 -0.42 -16.61
CA LYS C 317 -17.32 -0.91 -16.83
C LYS C 317 -17.89 -0.64 -18.25
N TYR C 318 -17.28 0.29 -19.01
CA TYR C 318 -17.61 0.53 -20.45
C TYR C 318 -16.59 -0.14 -21.39
N LYS C 319 -16.98 -0.32 -22.65
CA LYS C 319 -16.04 -0.81 -23.69
C LYS C 319 -15.08 0.33 -24.11
N GLU C 320 -14.06 -0.03 -24.87
CA GLU C 320 -13.10 0.96 -25.33
C GLU C 320 -13.84 2.05 -26.12
N PRO C 321 -13.39 3.29 -26.00
CA PRO C 321 -14.16 4.36 -26.67
C PRO C 321 -14.18 4.34 -28.19
N TRP C 322 -13.14 3.84 -28.81
CA TRP C 322 -13.10 3.64 -30.27
C TRP C 322 -13.88 2.37 -30.71
N GLU C 323 -14.66 1.74 -29.84
CA GLU C 323 -15.32 0.48 -30.18
C GLU C 323 -16.82 0.69 -30.41
N ASP C 324 -17.41 -0.34 -31.05
CA ASP C 324 -18.80 -0.38 -31.56
C ASP C 324 -19.67 -1.30 -30.71
P RI2 D . 7.01 10.35 21.23
C1 RI2 D . 12.15 11.10 20.16
O1 RI2 D . 13.15 12.00 19.64
C2 RI2 D . 12.51 9.63 19.96
O2 RI2 D . 13.10 9.43 18.67
C3 RI2 D . 11.15 9.01 20.02
O3 RI2 D . 11.03 7.68 19.50
C4 RI2 D . 10.33 9.99 19.18
O4 RI2 D . 10.91 11.26 19.41
C5 RI2 D . 8.84 9.96 19.43
O5 RI2 D . 8.54 10.05 20.80
PA RI2 D . 14.00 12.98 20.59
O1A RI2 D . 15.15 13.33 19.69
O1P RI2 D . 7.08 10.57 22.70
O2A RI2 D . 13.16 14.25 20.71
O2P RI2 D . 6.50 11.49 20.37
O3A RI2 D . 14.26 12.45 21.96
O3P RI2 D . 6.27 9.08 20.90
P AMP E . 5.74 -12.62 10.84
O1P AMP E . 6.29 -12.06 12.14
O2P AMP E . 6.32 -13.98 10.47
O3P AMP E . 5.94 -11.54 9.78
O5' AMP E . 4.13 -12.91 11.17
C5' AMP E . 2.95 -12.74 10.33
C4' AMP E . 2.38 -11.34 10.07
O4' AMP E . 0.95 -11.37 10.16
C3' AMP E . 2.81 -10.18 10.98
O3' AMP E . 3.41 -9.20 10.11
C2' AMP E . 1.56 -9.72 11.76
O2' AMP E . 1.23 -8.32 11.67
C1' AMP E . 0.38 -10.56 11.23
N9 AMP E . -0.35 -11.43 12.23
C8 AMP E . 0.16 -12.53 12.92
N7 AMP E . -0.75 -13.12 13.76
C5 AMP E . -1.90 -12.41 13.62
C6 AMP E . -3.28 -12.50 14.19
N6 AMP E . -3.59 -13.47 15.08
N1 AMP E . -4.18 -11.57 13.81
C2 AMP E . -3.88 -10.60 12.94
N3 AMP E . -2.66 -10.45 12.35
C4 AMP E . -1.65 -11.31 12.62
K K F . 11.93 -14.00 18.84
P RI2 G . -13.67 -20.46 0.30
C1 RI2 G . -11.59 -22.91 4.50
O1 RI2 G . -11.70 -23.08 5.88
C2 RI2 G . -10.17 -23.09 3.98
O2 RI2 G . -9.20 -22.56 4.87
C3 RI2 G . -10.24 -22.26 2.71
O3 RI2 G . -9.01 -21.88 2.08
C4 RI2 G . -11.04 -21.05 3.21
O4 RI2 G . -11.91 -21.54 4.23
C5 RI2 G . -11.70 -20.32 2.08
O5 RI2 G . -12.74 -21.06 1.48
PA RI2 G . -12.40 -24.35 6.58
O1A RI2 G . -13.86 -23.97 6.82
O1P RI2 G . -14.52 -19.37 0.93
O2A RI2 G . -11.77 -24.48 7.95
O2P RI2 G . -14.52 -21.65 -0.08
O3A RI2 G . -12.26 -25.57 5.69
O3P RI2 G . -12.94 -19.80 -0.84
P AMP H . 8.51 -12.22 -10.35
O1P AMP H . 9.74 -12.19 -9.44
O2P AMP H . 7.48 -13.19 -9.77
O3P AMP H . 8.74 -12.26 -11.86
O5' AMP H . 7.83 -10.73 -10.26
C5' AMP H . 6.75 -10.30 -11.11
C4' AMP H . 5.73 -9.39 -10.41
O4' AMP H . 4.96 -8.66 -11.37
C3' AMP H . 4.65 -10.12 -9.60
O3' AMP H . 4.33 -9.34 -8.44
C2' AMP H . 3.45 -10.31 -10.55
O2' AMP H . 2.17 -10.26 -9.90
C1' AMP H . 3.64 -9.22 -11.63
N9 AMP H . 3.68 -9.58 -13.10
C8 AMP H . 4.58 -10.40 -13.74
N7 AMP H . 4.35 -10.48 -15.08
C5 AMP H . 3.31 -9.66 -15.33
C6 AMP H . 2.56 -9.24 -16.54
N6 AMP H . 2.90 -9.73 -17.76
N1 AMP H . 1.57 -8.37 -16.37
C2 AMP H . 1.18 -7.89 -15.17
N3 AMP H . 1.80 -8.20 -14.02
C4 AMP H . 2.87 -9.06 -14.04
K K I . 8.73 -22.45 -10.60
C1 MRD J . 13.66 -15.10 1.35
C2 MRD J . 12.78 -16.06 2.13
O2 MRD J . 12.26 -15.28 3.26
CM MRD J . 11.69 -16.60 1.26
C3 MRD J . 13.45 -17.34 2.59
C4 MRD J . 14.54 -17.10 3.59
O4 MRD J . 15.66 -16.62 2.86
C5 MRD J . 14.90 -18.39 4.27
P RI2 K . 9.75 7.89 -21.24
C1 RI2 K . 10.87 3.25 -23.52
O1 RI2 K . 10.31 2.21 -24.29
C2 RI2 K . 11.84 2.78 -22.43
O2 RI2 K . 11.43 1.48 -21.93
C3 RI2 K . 11.69 3.85 -21.39
O3 RI2 K . 12.09 3.58 -20.03
C4 RI2 K . 10.17 4.02 -21.43
O4 RI2 K . 9.81 3.85 -22.80
C5 RI2 K . 9.66 5.32 -20.88
O5 RI2 K . 10.17 6.40 -21.64
PA RI2 K . 10.70 2.02 -25.87
O1A RI2 K . 9.56 2.76 -26.62
O1P RI2 K . 10.00 8.15 -19.72
O2A RI2 K . 12.05 2.52 -26.23
O2P RI2 K . 8.22 7.88 -21.43
O3A RI2 K . 10.57 0.60 -26.21
O3P RI2 K . 10.54 8.78 -22.22
P AMP L . 17.61 1.74 2.17
O1P AMP L . 18.65 2.76 1.73
O2P AMP L . 16.63 1.36 1.05
O3P AMP L . 18.15 0.54 2.95
O5' AMP L . 16.80 2.57 3.34
C5' AMP L . 16.28 3.89 3.19
C4' AMP L . 14.77 3.96 2.85
O4' AMP L . 14.19 5.11 3.48
C3' AMP L . 14.36 4.15 1.39
O3' AMP L . 13.13 3.42 1.19
C2' AMP L . 14.23 5.68 1.15
O2' AMP L . 13.29 6.18 0.16
C1' AMP L . 13.95 6.22 2.57
N9 AMP L . 14.77 7.42 3.02
C8 AMP L . 16.12 7.40 3.34
N7 AMP L . 16.58 8.62 3.73
C5 AMP L . 15.54 9.45 3.71
C6 AMP L . 15.35 10.87 4.02
N6 AMP L . 16.42 11.58 4.45
N1 AMP L . 14.12 11.40 3.88
C2 AMP L . 13.08 10.67 3.44
N3 AMP L . 13.17 9.35 3.14
C4 AMP L . 14.35 8.69 3.25
K K M . 26.01 1.79 -3.44
#